data_8IF4
#
_entry.id   8IF4
#
_cell.length_a   1.00
_cell.length_b   1.00
_cell.length_c   1.00
_cell.angle_alpha   90.00
_cell.angle_beta   90.00
_cell.angle_gamma   90.00
#
_symmetry.space_group_name_H-M   'P 1'
#
loop_
_entity.id
_entity.type
_entity.pdbx_description
1 polymer 'Voltage-dependent calcium channel subunit alpha-2/delta-1'
2 branched 2-acetamido-2-deoxy-beta-D-glucopyranose-(1-4)-2-acetamido-2-deoxy-beta-D-glucopyranose
3 non-polymer 2-acetamido-2-deoxy-beta-D-glucopyranose
#
_entity_poly.entity_id   1
_entity_poly.type   'polypeptide(L)'
_entity_poly.pdbx_seq_one_letter_code
;MAAGCLLALTLTLFQSLLIGPSSEEPFPSAVTIKSWVDKMQEDLVTLAKTASGVNQLVDIYEKYQDLYTVEPNNARQLVE
IAARDIEKLLSNRSKALVRLALEAEKVQAAHQWREDFASNEVVYYNAKDDLDPEKNDSEPGSQRIKPVFIEDANFGRQIS
YQHAAVHIPTDIYEGSTIVLNELNWTSALDEVFKKNREEDPSLLWQVFGSATGLARYYPASPWVDNSRTPNKIDLYDVRR
RPWYIQGAASPKDMLILVDVSGSVSGLTLKLIRTSVSEMLETLSDDDFVNVASFNSNAQDVSCFQHLVQANVRNKKVLKD
AVNNITAKGITDYKKGFSFAFEQLLNYNVSRANCNKIIMLFTDGGEERAQEIFNKYNKDKKVRVFTFSVGQHNYDRGPIQ
WMACENKGYYYEIPSIGAIRINTQEYLDVLGRPMVLAGDKAKQVQWTNVYLDALELGLVITGTLPVFNITGQFENKTNLK
NQLILGVMGVDVSLEDIKRLTPRFTLCPNGYYFAIDPNGYVLLHPNLQPKNPKSQEPVTLDFLDAELENDIKVEIRNKMI
DGESGEKTFRTLVKSQDERYIDKGNRTYTWTPVNGTDYSLALVLPTYSFYYIKAKLEETITQARSKKGKMKDSETLKPDN
FEESGYTFIAPRDYCNDLKISDNNTEFLLNFNEFIDRHHHHHHHHKTPNNPSCNADLINRVLLDAGFTNELVQNYWSKQK
NIKGVKARFVVTDGGITRVYPKEAGENWQENPETYEDSFYKRSLDNDNYVFTAPYFNKSGPGAYESGIMVSKAVEIYIQG
KLLKPAVVGIKIDVNSWIENFTKTSIRDPCAGPVCDCKRNSDVMDCVILDDGGFLLMANHDDYTNQIGRFFGEIDPSLMR
HLVNISVYAFNKSYDYQSVCEPGAAPKQGAGHRSAYVPSVADILQIGWWATAAAWSILQQFLLSLTFPRLLEAVEMEDDD
FTASLSKQSCITEQTQYFFDNDSKSFSGVLDCGNCSRIFHGEKLMNTNLIFIMVESKGTCPCDTRLLIQAEQTSDGPNPC
DMVKQPRYRKGPDVCFDNNVLEDYTDCGGVSGLNPSLWYIIGIQFLLLWLVSGSTHRLL
;
_entity_poly.pdbx_strand_id   A
#
loop_
_chem_comp.id
_chem_comp.type
_chem_comp.name
_chem_comp.formula
NAG D-saccharide, beta linking 2-acetamido-2-deoxy-beta-D-glucopyranose 'C8 H15 N O6'
#
# COMPACT_ATOMS: atom_id res chain seq x y z
N PHE A 27 -36.86 16.53 -33.18
CA PHE A 27 -36.50 15.86 -31.90
C PHE A 27 -37.79 15.56 -31.13
N PRO A 28 -37.99 14.30 -30.69
CA PRO A 28 -39.22 13.92 -30.01
C PRO A 28 -39.42 14.63 -28.67
N SER A 29 -40.68 14.69 -28.25
CA SER A 29 -41.07 15.37 -27.02
C SER A 29 -40.52 14.65 -25.80
N ALA A 30 -40.45 15.40 -24.69
CA ALA A 30 -39.96 14.89 -23.42
C ALA A 30 -40.85 13.78 -22.86
N VAL A 31 -42.16 13.88 -23.09
CA VAL A 31 -43.12 12.89 -22.63
C VAL A 31 -42.88 11.54 -23.33
N THR A 32 -42.59 11.58 -24.63
CA THR A 32 -42.30 10.36 -25.36
C THR A 32 -41.04 9.70 -24.83
N ILE A 33 -40.00 10.50 -24.56
CA ILE A 33 -38.75 9.95 -24.05
C ILE A 33 -38.98 9.38 -22.65
N LYS A 34 -39.80 10.05 -21.83
CA LYS A 34 -40.12 9.53 -20.51
C LYS A 34 -40.86 8.20 -20.61
N SER A 35 -41.80 8.07 -21.55
CA SER A 35 -42.54 6.83 -21.74
C SER A 35 -41.61 5.69 -22.18
N TRP A 36 -40.71 5.99 -23.11
CA TRP A 36 -39.73 5.01 -23.57
C TRP A 36 -38.82 4.56 -22.42
N VAL A 37 -38.37 5.51 -21.62
CA VAL A 37 -37.54 5.22 -20.47
C VAL A 37 -38.32 4.35 -19.48
N ASP A 38 -39.58 4.68 -19.22
CA ASP A 38 -40.37 3.90 -18.27
C ASP A 38 -40.51 2.46 -18.76
N LYS A 39 -40.83 2.28 -20.05
CA LYS A 39 -41.00 0.94 -20.60
C LYS A 39 -39.69 0.14 -20.53
N MET A 40 -38.57 0.76 -20.93
CA MET A 40 -37.28 0.08 -20.92
C MET A 40 -36.88 -0.30 -19.50
N GLN A 41 -37.05 0.63 -18.55
CA GLN A 41 -36.66 0.39 -17.17
C GLN A 41 -37.55 -0.70 -16.57
N GLU A 42 -38.85 -0.70 -16.89
CA GLU A 42 -39.75 -1.73 -16.39
C GLU A 42 -39.31 -3.10 -16.91
N ASP A 43 -39.04 -3.20 -18.21
CA ASP A 43 -38.59 -4.45 -18.79
C ASP A 43 -37.30 -4.94 -18.11
N LEU A 44 -36.29 -4.07 -18.02
CA LEU A 44 -35.00 -4.46 -17.43
C LEU A 44 -35.15 -4.88 -15.97
N VAL A 45 -35.84 -4.06 -15.17
CA VAL A 45 -35.97 -4.31 -13.75
C VAL A 45 -36.72 -5.62 -13.55
N THR A 46 -37.86 -5.80 -14.25
CA THR A 46 -38.68 -6.98 -14.08
C THR A 46 -37.90 -8.23 -14.46
N LEU A 47 -37.20 -8.19 -15.60
CA LEU A 47 -36.48 -9.36 -16.07
C LEU A 47 -35.37 -9.72 -15.08
N ALA A 48 -34.60 -8.72 -14.63
CA ALA A 48 -33.52 -8.98 -13.69
C ALA A 48 -34.05 -9.54 -12.38
N LYS A 49 -35.10 -8.92 -11.83
CA LYS A 49 -35.69 -9.38 -10.58
C LYS A 49 -36.23 -10.81 -10.73
N THR A 50 -36.92 -11.14 -11.84
CA THR A 50 -37.56 -12.45 -11.97
C THR A 50 -36.51 -13.53 -12.19
N ALA A 51 -35.53 -13.27 -13.06
CA ALA A 51 -34.59 -14.33 -13.41
C ALA A 51 -33.55 -14.50 -12.29
N SER A 52 -33.14 -13.42 -11.62
CA SER A 52 -32.09 -13.49 -10.60
C SER A 52 -32.62 -14.19 -9.34
N GLY A 53 -33.82 -13.80 -8.90
CA GLY A 53 -34.54 -14.48 -7.84
C GLY A 53 -34.10 -13.95 -6.48
N VAL A 54 -34.13 -12.63 -6.31
CA VAL A 54 -33.87 -12.00 -5.03
C VAL A 54 -34.95 -12.37 -4.01
N ASN A 55 -36.20 -12.42 -4.46
CA ASN A 55 -37.32 -12.64 -3.55
C ASN A 55 -37.22 -14.00 -2.88
N GLN A 56 -36.91 -15.04 -3.66
CA GLN A 56 -36.82 -16.39 -3.13
C GLN A 56 -35.67 -16.50 -2.13
N LEU A 57 -34.52 -15.91 -2.43
CA LEU A 57 -33.36 -15.99 -1.56
C LEU A 57 -33.62 -15.30 -0.23
N VAL A 58 -34.16 -14.08 -0.29
CA VAL A 58 -34.45 -13.34 0.93
C VAL A 58 -35.55 -14.06 1.71
N ASP A 59 -36.51 -14.67 1.02
CA ASP A 59 -37.57 -15.41 1.68
C ASP A 59 -37.01 -16.62 2.43
N ILE A 60 -36.07 -17.35 1.83
CA ILE A 60 -35.43 -18.46 2.52
C ILE A 60 -34.68 -17.97 3.77
N TYR A 61 -33.89 -16.91 3.60
CA TYR A 61 -33.14 -16.33 4.71
C TYR A 61 -34.08 -15.92 5.85
N GLU A 62 -35.20 -15.28 5.53
CA GLU A 62 -36.16 -14.85 6.55
C GLU A 62 -37.06 -15.99 7.02
N LYS A 63 -37.02 -17.16 6.34
CA LYS A 63 -37.88 -18.29 6.69
C LYS A 63 -37.20 -19.21 7.71
N TYR A 64 -35.91 -19.48 7.55
CA TYR A 64 -35.23 -20.38 8.48
C TYR A 64 -35.18 -19.79 9.89
N GLN A 65 -34.37 -18.75 10.11
CA GLN A 65 -34.17 -18.15 11.42
C GLN A 65 -33.64 -19.16 12.45
N ASP A 66 -33.17 -20.33 12.00
CA ASP A 66 -32.75 -21.39 12.90
C ASP A 66 -31.28 -21.73 12.73
N LEU A 67 -30.85 -21.93 11.48
CA LEU A 67 -29.50 -22.41 11.20
C LEU A 67 -28.45 -21.33 11.45
N TYR A 68 -28.87 -20.07 11.67
CA TYR A 68 -27.92 -18.99 11.84
C TYR A 68 -28.19 -18.17 13.10
N THR A 69 -27.17 -17.45 13.53
CA THR A 69 -27.23 -16.60 14.71
C THR A 69 -26.68 -15.22 14.36
N VAL A 70 -27.44 -14.17 14.70
CA VAL A 70 -26.99 -12.81 14.50
C VAL A 70 -26.39 -12.29 15.79
N GLU A 71 -25.13 -11.84 15.71
CA GLU A 71 -24.38 -11.43 16.87
C GLU A 71 -23.87 -10.01 16.67
N PRO A 72 -23.75 -9.21 17.75
CA PRO A 72 -23.29 -7.83 17.62
C PRO A 72 -21.80 -7.78 17.30
N ASN A 73 -21.43 -6.85 16.42
CA ASN A 73 -20.04 -6.57 16.09
C ASN A 73 -19.66 -5.27 16.77
N ASN A 74 -19.17 -5.35 18.01
CA ASN A 74 -18.85 -4.17 18.78
C ASN A 74 -17.56 -3.54 18.26
N ALA A 75 -17.64 -2.30 17.79
CA ALA A 75 -16.50 -1.63 17.17
C ALA A 75 -15.41 -1.32 18.19
N ARG A 76 -15.78 -0.70 19.33
CA ARG A 76 -14.80 -0.28 20.33
C ARG A 76 -14.16 -1.50 21.00
N GLN A 77 -14.96 -2.53 21.31
CA GLN A 77 -14.42 -3.75 21.89
C GLN A 77 -13.42 -4.39 20.92
N LEU A 78 -13.77 -4.50 19.64
CA LEU A 78 -12.90 -5.14 18.66
C LEU A 78 -11.60 -4.35 18.50
N VAL A 79 -11.70 -3.04 18.46
CA VAL A 79 -10.51 -2.25 18.25
C VAL A 79 -9.59 -2.38 19.47
N GLU A 80 -10.17 -2.40 20.68
CA GLU A 80 -9.39 -2.63 21.90
C GLU A 80 -8.70 -4.00 21.90
N ILE A 81 -9.42 -5.07 21.53
CA ILE A 81 -8.85 -6.41 21.49
C ILE A 81 -7.69 -6.47 20.48
N ALA A 82 -7.89 -5.87 19.30
CA ALA A 82 -6.87 -5.89 18.28
C ALA A 82 -5.66 -5.10 18.77
N ALA A 83 -5.88 -3.96 19.45
CA ALA A 83 -4.78 -3.14 19.92
C ALA A 83 -3.95 -3.91 20.95
N ARG A 84 -4.61 -4.54 21.94
CA ARG A 84 -3.88 -5.29 22.96
C ARG A 84 -3.14 -6.46 22.31
N ASP A 85 -3.76 -7.16 21.37
CA ASP A 85 -3.11 -8.31 20.73
C ASP A 85 -1.87 -7.91 19.94
N ILE A 86 -1.97 -6.83 19.17
CA ILE A 86 -0.83 -6.37 18.40
C ILE A 86 0.24 -5.86 19.35
N GLU A 87 -0.17 -5.27 20.48
CA GLU A 87 0.83 -4.84 21.47
C GLU A 87 1.59 -6.04 22.06
N LYS A 88 0.88 -7.16 22.29
CA LYS A 88 1.54 -8.36 22.76
C LYS A 88 2.51 -8.94 21.73
N LEU A 89 2.15 -8.90 20.47
CA LEU A 89 3.03 -9.38 19.42
C LEU A 89 4.26 -8.50 19.34
N LEU A 90 4.08 -7.18 19.56
CA LEU A 90 5.24 -6.32 19.64
C LEU A 90 6.06 -6.58 20.93
N SER A 91 5.40 -7.01 22.00
CA SER A 91 6.12 -7.46 23.19
C SER A 91 7.04 -8.64 22.87
N ASN A 92 6.51 -9.66 22.16
CA ASN A 92 7.35 -10.71 21.60
C ASN A 92 8.59 -10.14 20.89
N ARG A 93 8.35 -9.29 19.91
CA ARG A 93 9.38 -8.99 18.95
C ARG A 93 10.31 -7.92 19.49
N SER A 94 9.96 -7.25 20.61
CA SER A 94 10.89 -6.35 21.28
C SER A 94 11.74 -7.10 22.32
N LYS A 95 11.12 -8.06 23.04
CA LYS A 95 11.85 -8.88 23.99
C LYS A 95 12.93 -9.69 23.27
N ALA A 96 12.59 -10.26 22.13
CA ALA A 96 13.58 -11.02 21.36
C ALA A 96 14.77 -10.14 21.01
N LEU A 97 14.49 -8.91 20.63
CA LEU A 97 15.52 -8.02 20.16
C LEU A 97 16.43 -7.55 21.29
N VAL A 98 15.83 -7.22 22.45
CA VAL A 98 16.64 -6.83 23.60
C VAL A 98 17.51 -8.01 24.02
N ARG A 99 16.97 -9.23 23.99
CA ARG A 99 17.76 -10.42 24.31
C ARG A 99 18.98 -10.56 23.39
N LEU A 100 18.73 -10.55 22.09
CA LEU A 100 19.80 -10.74 21.12
C LEU A 100 20.85 -9.65 21.28
N ALA A 101 20.42 -8.39 21.45
CA ALA A 101 21.37 -7.29 21.57
C ALA A 101 22.20 -7.39 22.86
N LEU A 102 21.55 -7.76 23.97
CA LEU A 102 22.29 -7.89 25.22
C LEU A 102 23.40 -8.95 25.09
N GLU A 103 23.06 -10.12 24.55
CA GLU A 103 24.06 -11.17 24.44
C GLU A 103 25.14 -10.80 23.42
N ALA A 104 24.80 -10.04 22.38
CA ALA A 104 25.80 -9.58 21.42
C ALA A 104 26.81 -8.67 22.10
N GLU A 105 26.31 -7.74 22.93
CA GLU A 105 27.18 -6.86 23.70
C GLU A 105 28.10 -7.66 24.62
N LYS A 106 27.51 -8.64 25.34
CA LYS A 106 28.26 -9.48 26.26
C LYS A 106 29.37 -10.23 25.52
N VAL A 107 29.06 -10.80 24.36
CA VAL A 107 30.01 -11.63 23.64
C VAL A 107 31.14 -10.78 23.06
N GLN A 108 30.83 -9.65 22.47
CA GLN A 108 31.89 -8.87 21.83
C GLN A 108 32.73 -8.15 22.88
N ALA A 109 32.14 -7.85 24.05
CA ALA A 109 32.87 -7.22 25.14
C ALA A 109 34.06 -8.08 25.56
N ALA A 110 33.82 -9.39 25.72
CA ALA A 110 34.87 -10.35 26.04
C ALA A 110 35.34 -11.05 24.78
N HIS A 111 35.94 -10.30 23.85
CA HIS A 111 36.43 -10.84 22.60
C HIS A 111 37.93 -10.61 22.48
N GLN A 112 38.66 -11.65 22.05
CA GLN A 112 40.11 -11.63 22.02
C GLN A 112 40.64 -10.78 20.88
N TRP A 113 39.86 -10.68 19.79
CA TRP A 113 40.34 -10.08 18.55
C TRP A 113 41.48 -10.93 17.98
N ARG A 114 41.21 -12.23 17.82
CA ARG A 114 42.16 -13.16 17.21
C ARG A 114 42.53 -12.68 15.80
N GLU A 115 43.83 -12.60 15.51
CA GLU A 115 44.30 -12.09 14.24
C GLU A 115 44.67 -13.23 13.29
N ASP A 116 45.57 -14.10 13.74
CA ASP A 116 46.06 -15.21 12.93
C ASP A 116 45.01 -16.31 12.92
N PHE A 117 44.13 -16.28 11.90
CA PHE A 117 43.10 -17.28 11.75
C PHE A 117 43.51 -18.41 10.81
N ALA A 118 44.81 -18.56 10.52
CA ALA A 118 45.29 -19.63 9.66
C ALA A 118 45.04 -20.99 10.31
N SER A 119 45.43 -21.14 11.58
CA SER A 119 45.25 -22.39 12.31
C SER A 119 43.78 -22.62 12.66
N ASN A 120 43.10 -21.56 13.14
CA ASN A 120 41.71 -21.63 13.51
C ASN A 120 40.87 -21.31 12.29
N GLU A 121 40.53 -22.34 11.50
CA GLU A 121 39.73 -22.18 10.31
C GLU A 121 38.25 -22.09 10.71
N VAL A 122 37.67 -20.89 10.60
CA VAL A 122 36.28 -20.70 10.99
C VAL A 122 35.39 -21.19 9.83
N VAL A 123 34.29 -21.86 10.19
CA VAL A 123 33.39 -22.47 9.23
C VAL A 123 32.01 -21.87 9.45
N TYR A 124 31.38 -21.48 8.35
CA TYR A 124 30.09 -20.81 8.38
C TYR A 124 29.34 -21.13 7.09
N TYR A 125 28.02 -20.96 7.16
CA TYR A 125 27.13 -21.20 6.05
C TYR A 125 26.90 -19.87 5.33
N ASN A 126 27.53 -19.72 4.17
CA ASN A 126 27.40 -18.53 3.35
C ASN A 126 26.31 -18.76 2.32
N ALA A 127 25.30 -17.89 2.30
CA ALA A 127 24.22 -18.01 1.33
C ALA A 127 24.72 -17.65 -0.06
N LYS A 128 23.86 -17.75 -1.06
CA LYS A 128 24.13 -17.34 -2.44
C LYS A 128 25.35 -18.05 -3.02
N ASP A 129 25.84 -19.12 -2.37
CA ASP A 129 27.04 -19.80 -2.82
C ASP A 129 26.67 -20.98 -3.71
N ASP A 130 27.69 -21.70 -4.19
CA ASP A 130 27.50 -22.83 -5.08
C ASP A 130 28.20 -24.05 -4.49
N LEU A 131 27.70 -25.23 -4.89
CA LEU A 131 28.20 -26.52 -4.43
C LEU A 131 29.37 -27.01 -5.29
N ASP A 132 29.83 -26.21 -6.26
CA ASP A 132 31.00 -26.58 -7.04
C ASP A 132 32.25 -26.51 -6.16
N PRO A 133 33.00 -27.63 -6.00
CA PRO A 133 34.19 -27.66 -5.14
C PRO A 133 35.42 -27.00 -5.79
N ILE A 145 28.80 -26.06 4.38
CA ILE A 145 27.73 -26.94 4.92
C ILE A 145 26.71 -27.18 3.81
N LYS A 146 26.21 -28.43 3.75
CA LYS A 146 25.23 -28.85 2.77
C LYS A 146 23.99 -29.38 3.50
N PRO A 147 23.16 -28.51 4.10
CA PRO A 147 21.98 -28.97 4.83
C PRO A 147 20.94 -29.63 3.94
N VAL A 148 20.16 -30.52 4.54
CA VAL A 148 19.03 -31.18 3.89
C VAL A 148 17.96 -30.18 3.45
N PHE A 149 17.89 -29.01 4.10
CA PHE A 149 16.98 -27.94 3.71
C PHE A 149 15.52 -28.38 3.76
N ILE A 150 15.07 -28.73 4.97
CA ILE A 150 13.70 -29.16 5.20
C ILE A 150 12.76 -27.95 5.10
N GLU A 151 11.75 -28.06 4.24
CA GLU A 151 10.81 -26.97 4.01
C GLU A 151 9.66 -27.06 5.01
N ASP A 152 9.44 -25.99 5.78
CA ASP A 152 8.36 -25.92 6.76
C ASP A 152 7.42 -24.78 6.39
N ALA A 153 6.24 -24.78 7.02
CA ALA A 153 5.24 -23.75 6.83
C ALA A 153 5.74 -22.41 7.37
N ASN A 154 5.02 -21.34 7.01
CA ASN A 154 5.31 -19.96 7.37
C ASN A 154 6.56 -19.44 6.65
N PHE A 155 7.22 -20.28 5.86
CA PHE A 155 8.31 -19.90 4.99
C PHE A 155 8.05 -20.59 3.67
N GLY A 156 8.16 -19.85 2.56
CA GLY A 156 7.86 -20.36 1.23
C GLY A 156 8.96 -21.26 0.62
N ARG A 157 10.11 -21.38 1.28
CA ARG A 157 11.30 -21.92 0.66
C ARG A 157 12.05 -22.80 1.66
N GLN A 158 13.24 -23.24 1.25
CA GLN A 158 14.04 -24.15 2.04
C GLN A 158 14.63 -23.40 3.24
N ILE A 159 14.49 -24.00 4.42
CA ILE A 159 15.05 -23.47 5.66
C ILE A 159 15.76 -24.59 6.39
N SER A 160 16.70 -24.20 7.26
CA SER A 160 17.42 -25.14 8.09
C SER A 160 17.69 -24.49 9.43
N TYR A 161 17.02 -24.98 10.48
CA TYR A 161 17.12 -24.38 11.79
C TYR A 161 18.40 -24.81 12.52
N GLN A 162 19.17 -25.75 11.95
CA GLN A 162 20.39 -26.24 12.58
C GLN A 162 21.49 -25.16 12.58
N HIS A 163 21.60 -24.38 11.50
CA HIS A 163 22.66 -23.39 11.35
C HIS A 163 22.07 -22.01 11.07
N ALA A 164 22.93 -20.97 11.03
CA ALA A 164 22.55 -19.61 10.65
C ALA A 164 23.32 -19.21 9.41
N ALA A 165 22.70 -18.30 8.64
CA ALA A 165 23.18 -18.00 7.31
C ALA A 165 23.74 -16.60 7.32
N VAL A 166 24.92 -16.45 6.69
CA VAL A 166 25.62 -15.17 6.64
C VAL A 166 25.54 -14.64 5.23
N HIS A 167 25.12 -13.35 5.15
CA HIS A 167 25.11 -12.65 3.89
C HIS A 167 26.20 -11.59 3.91
N ILE A 168 27.00 -11.59 2.86
CA ILE A 168 28.04 -10.59 2.68
C ILE A 168 27.82 -9.91 1.33
N PRO A 169 28.00 -8.58 1.23
CA PRO A 169 27.96 -7.89 -0.06
C PRO A 169 28.97 -8.48 -1.05
N THR A 170 28.59 -8.45 -2.34
CA THR A 170 29.42 -9.03 -3.38
C THR A 170 30.75 -8.28 -3.50
N ASP A 171 30.69 -6.94 -3.44
CA ASP A 171 31.87 -6.10 -3.62
C ASP A 171 32.88 -6.31 -2.49
N ILE A 172 32.41 -6.46 -1.24
CA ILE A 172 33.29 -6.59 -0.11
C ILE A 172 34.00 -7.94 -0.21
N TYR A 173 35.17 -8.03 0.43
CA TYR A 173 36.00 -9.22 0.29
C TYR A 173 35.60 -10.30 1.29
N GLU A 174 35.89 -11.56 0.94
CA GLU A 174 35.68 -12.73 1.79
C GLU A 174 36.78 -12.78 2.86
N GLY A 175 36.92 -13.93 3.54
CA GLY A 175 37.77 -14.12 4.72
C GLY A 175 39.07 -13.33 4.73
N SER A 176 39.20 -12.45 5.73
CA SER A 176 40.32 -11.55 5.91
C SER A 176 40.33 -11.07 7.36
N THR A 177 41.36 -10.28 7.71
CA THR A 177 41.53 -9.78 9.07
C THR A 177 40.43 -8.83 9.54
N ILE A 178 39.48 -8.43 8.68
CA ILE A 178 38.42 -7.50 9.06
C ILE A 178 37.03 -8.12 8.95
N VAL A 179 36.90 -9.36 8.46
CA VAL A 179 35.62 -10.04 8.38
C VAL A 179 35.61 -11.31 9.24
N LEU A 180 36.74 -12.02 9.32
CA LEU A 180 36.81 -13.28 10.05
C LEU A 180 36.57 -13.06 11.55
N ASN A 181 37.05 -11.94 12.10
CA ASN A 181 36.82 -11.62 13.50
C ASN A 181 35.32 -11.51 13.79
N GLU A 182 34.59 -10.84 12.90
CA GLU A 182 33.14 -10.69 13.05
C GLU A 182 32.46 -12.04 12.89
N LEU A 183 32.87 -12.81 11.87
CA LEU A 183 32.34 -14.16 11.68
C LEU A 183 32.63 -15.11 12.84
N ASN A 184 33.64 -14.81 13.68
CA ASN A 184 33.90 -15.58 14.89
C ASN A 184 33.03 -15.08 16.04
N TRP A 185 33.04 -13.77 16.32
CA TRP A 185 32.38 -13.33 17.53
C TRP A 185 30.86 -13.32 17.35
N THR A 186 30.36 -13.43 16.11
CA THR A 186 28.94 -13.60 15.87
C THR A 186 28.50 -15.06 15.80
N SER A 187 29.42 -16.00 16.04
CA SER A 187 29.06 -17.41 16.08
C SER A 187 28.25 -17.77 17.34
N ALA A 188 28.26 -16.92 18.37
CA ALA A 188 27.47 -17.14 19.58
C ALA A 188 26.05 -16.60 19.47
N LEU A 189 25.77 -15.85 18.39
CA LEU A 189 24.44 -15.31 18.16
C LEU A 189 23.45 -16.39 17.75
N ASP A 190 23.94 -17.50 17.18
CA ASP A 190 23.09 -18.57 16.71
C ASP A 190 22.38 -19.25 17.88
N GLU A 191 23.03 -19.37 19.03
CA GLU A 191 22.39 -19.95 20.20
C GLU A 191 21.21 -19.09 20.64
N VAL A 192 21.37 -17.78 20.59
CA VAL A 192 20.31 -16.88 21.00
C VAL A 192 19.17 -16.97 19.98
N PHE A 193 19.53 -17.08 18.71
CA PHE A 193 18.54 -17.31 17.67
C PHE A 193 17.71 -18.57 17.96
N LYS A 194 18.39 -19.68 18.30
CA LYS A 194 17.72 -20.94 18.59
C LYS A 194 16.77 -20.78 19.76
N LYS A 195 17.26 -20.12 20.82
CA LYS A 195 16.48 -19.98 22.04
C LYS A 195 15.23 -19.15 21.77
N ASN A 196 15.38 -18.05 21.03
CA ASN A 196 14.27 -17.16 20.72
C ASN A 196 13.22 -17.88 19.88
N ARG A 197 13.66 -18.61 18.88
CA ARG A 197 12.71 -19.33 18.05
C ARG A 197 12.00 -20.42 18.86
N GLU A 198 12.73 -21.13 19.72
CA GLU A 198 12.14 -22.22 20.47
C GLU A 198 11.15 -21.70 21.51
N GLU A 199 11.43 -20.55 22.12
CA GLU A 199 10.52 -19.97 23.10
C GLU A 199 9.31 -19.32 22.45
N ASP A 200 9.37 -19.06 21.13
CA ASP A 200 8.26 -18.44 20.40
C ASP A 200 8.31 -18.92 18.95
N PRO A 201 7.52 -19.95 18.58
CA PRO A 201 7.62 -20.52 17.24
C PRO A 201 7.03 -19.67 16.12
N SER A 202 6.42 -18.53 16.44
CA SER A 202 5.83 -17.65 15.44
C SER A 202 6.80 -16.60 14.90
N LEU A 203 8.07 -16.61 15.34
CA LEU A 203 9.04 -15.63 14.88
C LEU A 203 9.30 -15.83 13.39
N LEU A 204 9.36 -14.71 12.67
CA LEU A 204 9.57 -14.75 11.23
C LEU A 204 11.05 -14.78 10.91
N TRP A 205 11.69 -13.63 11.17
CA TRP A 205 13.12 -13.52 10.79
C TRP A 205 13.93 -12.77 11.84
N GLN A 206 15.20 -13.14 11.98
CA GLN A 206 16.14 -12.58 12.92
C GLN A 206 17.41 -12.26 12.14
N VAL A 207 17.83 -10.98 12.18
CA VAL A 207 19.02 -10.55 11.46
C VAL A 207 19.84 -9.66 12.35
N PHE A 208 21.15 -9.60 12.05
CA PHE A 208 22.08 -8.69 12.69
C PHE A 208 22.96 -8.08 11.60
N GLY A 209 22.99 -6.74 11.55
CA GLY A 209 23.75 -5.98 10.56
C GLY A 209 24.96 -5.37 11.25
N SER A 210 26.11 -5.32 10.56
CA SER A 210 27.35 -4.82 11.12
C SER A 210 27.89 -3.69 10.27
N ALA A 211 29.00 -3.08 10.72
CA ALA A 211 29.64 -1.99 9.99
C ALA A 211 30.28 -2.44 8.67
N THR A 212 30.43 -3.75 8.44
CA THR A 212 30.99 -4.26 7.20
C THR A 212 30.00 -5.22 6.51
N GLY A 213 28.71 -5.06 6.79
CA GLY A 213 27.71 -5.92 6.22
C GLY A 213 27.42 -7.11 7.13
N LEU A 214 27.65 -8.32 6.62
CA LEU A 214 27.55 -9.54 7.40
C LEU A 214 26.19 -9.65 8.11
N ALA A 215 25.13 -9.80 7.33
CA ALA A 215 23.82 -10.11 7.87
C ALA A 215 23.78 -11.60 8.21
N ARG A 216 23.75 -11.92 9.51
CA ARG A 216 23.58 -13.30 9.94
C ARG A 216 22.11 -13.50 10.32
N TYR A 217 21.36 -14.19 9.44
CA TYR A 217 19.93 -14.45 9.68
C TYR A 217 19.72 -15.95 10.02
N TYR A 218 18.83 -16.22 10.98
CA TYR A 218 18.85 -17.49 11.70
C TYR A 218 18.29 -18.62 10.81
N PRO A 219 17.06 -18.54 10.28
CA PRO A 219 16.52 -19.68 9.54
C PRO A 219 17.23 -19.70 8.19
N ALA A 220 18.38 -20.37 8.19
CA ALA A 220 19.31 -20.38 7.06
C ALA A 220 18.57 -20.79 5.78
N SER A 221 18.48 -19.86 4.82
CA SER A 221 17.78 -20.10 3.57
C SER A 221 18.69 -19.59 2.45
N PRO A 222 18.86 -20.29 1.32
CA PRO A 222 19.58 -19.71 0.19
C PRO A 222 19.02 -18.34 -0.24
N TRP A 223 19.89 -17.53 -0.85
CA TRP A 223 19.59 -16.15 -1.20
C TRP A 223 18.71 -16.19 -2.45
N VAL A 224 18.48 -15.03 -3.07
CA VAL A 224 17.53 -14.88 -4.17
C VAL A 224 17.74 -15.93 -5.26
N ASP A 225 18.97 -16.10 -5.75
CA ASP A 225 19.25 -17.10 -6.78
C ASP A 225 20.75 -17.45 -6.75
N ILE A 233 23.73 -10.04 -11.03
CA ILE A 233 24.72 -9.55 -10.03
C ILE A 233 23.97 -8.75 -8.96
N ASP A 234 23.55 -9.44 -7.90
CA ASP A 234 22.62 -8.89 -6.94
C ASP A 234 23.34 -7.87 -6.05
N LEU A 235 22.64 -6.76 -5.76
CA LEU A 235 23.14 -5.69 -4.92
C LEU A 235 22.27 -5.61 -3.67
N TYR A 236 22.92 -5.80 -2.52
CA TYR A 236 22.26 -5.67 -1.23
C TYR A 236 23.31 -5.39 -0.17
N ASP A 237 23.35 -4.16 0.30
CA ASP A 237 24.17 -3.77 1.46
C ASP A 237 23.24 -3.63 2.65
N VAL A 238 23.61 -4.28 3.75
CA VAL A 238 22.78 -4.33 4.92
C VAL A 238 22.72 -2.92 5.50
N ARG A 239 23.84 -2.17 5.43
CA ARG A 239 23.87 -0.82 5.96
C ARG A 239 23.04 0.12 5.08
N ARG A 240 22.79 -0.23 3.82
CA ARG A 240 21.96 0.58 2.93
C ARG A 240 20.51 0.07 2.92
N ARG A 241 19.88 0.10 4.07
CA ARG A 241 18.51 -0.37 4.20
C ARG A 241 17.81 0.47 5.25
N PRO A 242 16.53 0.78 5.02
CA PRO A 242 15.77 1.59 5.95
C PRO A 242 15.82 1.09 7.38
N TRP A 243 15.77 -0.20 7.59
CA TRP A 243 15.74 -0.70 8.95
C TRP A 243 17.10 -0.46 9.64
N TYR A 244 18.19 -0.58 8.87
CA TYR A 244 19.49 -0.25 9.41
C TYR A 244 19.60 1.24 9.76
N ILE A 245 19.10 2.11 8.88
CA ILE A 245 19.28 3.53 9.03
C ILE A 245 18.41 4.06 10.16
N GLN A 246 17.18 3.63 10.26
CA GLN A 246 16.27 4.19 11.25
C GLN A 246 16.75 3.94 12.68
N GLY A 247 17.42 2.80 12.92
CA GLY A 247 17.94 2.47 14.23
C GLY A 247 19.30 3.09 14.58
N ALA A 248 20.09 3.50 13.56
CA ALA A 248 21.47 3.92 13.74
C ALA A 248 21.63 5.44 13.87
N ALA A 249 20.52 6.21 13.89
CA ALA A 249 20.60 7.66 13.95
C ALA A 249 19.31 8.19 14.58
N SER A 250 19.13 9.53 14.52
CA SER A 250 17.93 10.19 15.03
C SER A 250 17.23 11.01 13.94
N PRO A 251 15.93 11.37 14.11
CA PRO A 251 15.26 12.27 13.18
C PRO A 251 15.96 13.60 13.01
N LYS A 252 16.33 13.92 11.77
CA LYS A 252 17.27 15.00 11.49
C LYS A 252 16.61 16.03 10.55
N ASP A 253 16.90 17.32 10.80
CA ASP A 253 16.53 18.43 9.92
C ASP A 253 17.72 18.72 9.00
N MET A 254 17.97 17.80 8.08
CA MET A 254 19.12 17.93 7.20
C MET A 254 18.91 19.06 6.20
N LEU A 255 20.01 19.73 5.86
CA LEU A 255 20.04 20.69 4.75
C LEU A 255 21.16 20.30 3.81
N ILE A 256 20.96 20.65 2.54
CA ILE A 256 21.94 20.33 1.51
C ILE A 256 22.31 21.62 0.80
N LEU A 257 23.62 21.85 0.66
CA LEU A 257 24.15 22.91 -0.18
C LEU A 257 25.12 22.30 -1.18
N VAL A 258 25.04 22.79 -2.43
CA VAL A 258 25.87 22.29 -3.51
C VAL A 258 26.73 23.42 -4.05
N ASP A 259 28.03 23.16 -4.17
CA ASP A 259 28.94 24.07 -4.86
C ASP A 259 28.66 23.98 -6.37
N VAL A 260 28.22 25.10 -6.94
CA VAL A 260 27.77 25.12 -8.33
C VAL A 260 28.59 26.15 -9.12
N SER A 261 29.85 26.35 -8.71
CA SER A 261 30.75 27.27 -9.40
C SER A 261 31.01 26.77 -10.82
N GLY A 262 31.14 27.71 -11.76
CA GLY A 262 31.32 27.39 -13.17
C GLY A 262 32.67 26.72 -13.47
N SER A 263 33.69 26.97 -12.63
CA SER A 263 35.02 26.40 -12.81
C SER A 263 35.05 24.89 -12.60
N VAL A 264 34.13 24.33 -11.81
CA VAL A 264 34.11 22.91 -11.50
C VAL A 264 33.09 22.16 -12.37
N SER A 265 32.51 22.83 -13.37
CA SER A 265 31.54 22.19 -14.27
C SER A 265 32.18 21.04 -15.02
N GLY A 266 31.42 19.95 -15.17
CA GLY A 266 31.89 18.76 -15.88
C GLY A 266 31.40 17.50 -15.17
N LEU A 267 32.29 16.51 -15.06
CA LEU A 267 31.98 15.24 -14.41
C LEU A 267 31.65 15.45 -12.92
N THR A 268 32.23 16.49 -12.30
CA THR A 268 31.95 16.80 -10.91
C THR A 268 30.46 17.07 -10.70
N LEU A 269 29.82 17.73 -11.67
CA LEU A 269 28.38 18.00 -11.58
C LEU A 269 27.59 16.69 -11.56
N LYS A 270 27.97 15.74 -12.43
CA LYS A 270 27.30 14.44 -12.47
C LYS A 270 27.50 13.69 -11.15
N LEU A 271 28.73 13.73 -10.61
CA LEU A 271 29.02 13.10 -9.34
C LEU A 271 28.18 13.73 -8.21
N ILE A 272 28.08 15.06 -8.21
CA ILE A 272 27.25 15.76 -7.23
C ILE A 272 25.78 15.32 -7.34
N ARG A 273 25.27 15.25 -8.58
CA ARG A 273 23.89 14.89 -8.80
C ARG A 273 23.61 13.50 -8.25
N THR A 274 24.43 12.52 -8.65
CA THR A 274 24.22 11.13 -8.23
C THR A 274 24.40 11.00 -6.72
N SER A 275 25.40 11.69 -6.16
CA SER A 275 25.67 11.61 -4.73
C SER A 275 24.50 12.15 -3.91
N VAL A 276 23.98 13.33 -4.30
CA VAL A 276 22.88 13.93 -3.57
C VAL A 276 21.58 13.14 -3.79
N SER A 277 21.42 12.53 -4.97
CA SER A 277 20.28 11.65 -5.20
C SER A 277 20.32 10.45 -4.25
N GLU A 278 21.50 9.83 -4.10
CA GLU A 278 21.66 8.72 -3.17
C GLU A 278 21.46 9.18 -1.72
N MET A 279 21.91 10.41 -1.41
CA MET A 279 21.64 11.00 -0.10
C MET A 279 20.13 11.07 0.14
N LEU A 280 19.38 11.66 -0.79
CA LEU A 280 17.93 11.76 -0.67
C LEU A 280 17.31 10.38 -0.51
N GLU A 281 17.82 9.38 -1.25
CA GLU A 281 17.38 8.00 -1.06
C GLU A 281 17.62 7.52 0.38
N THR A 282 18.73 7.94 0.99
CA THR A 282 19.04 7.57 2.36
C THR A 282 18.08 8.21 3.38
N LEU A 283 17.56 9.41 3.06
CA LEU A 283 16.64 10.10 3.95
C LEU A 283 15.34 9.30 4.07
N SER A 284 14.89 9.12 5.31
CA SER A 284 13.62 8.50 5.60
C SER A 284 12.54 9.56 5.75
N ASP A 285 11.31 9.12 5.99
CA ASP A 285 10.17 10.02 6.09
C ASP A 285 10.08 10.69 7.45
N ASP A 286 10.92 10.29 8.43
CA ASP A 286 10.96 10.96 9.73
C ASP A 286 11.88 12.20 9.71
N ASP A 287 12.62 12.42 8.62
CA ASP A 287 13.56 13.50 8.50
C ASP A 287 13.06 14.52 7.48
N PHE A 288 13.44 15.80 7.68
CA PHE A 288 13.14 16.88 6.78
C PHE A 288 14.43 17.32 6.09
N VAL A 289 14.42 17.34 4.76
CA VAL A 289 15.58 17.72 3.97
C VAL A 289 15.17 18.78 2.95
N ASN A 290 16.11 19.69 2.64
CA ASN A 290 15.97 20.65 1.56
C ASN A 290 17.32 20.86 0.92
N VAL A 291 17.32 21.14 -0.39
CA VAL A 291 18.55 21.36 -1.13
C VAL A 291 18.51 22.78 -1.69
N ALA A 292 19.60 23.52 -1.45
CA ALA A 292 19.85 24.82 -2.07
C ALA A 292 21.20 24.80 -2.78
N SER A 293 21.37 25.70 -3.75
CA SER A 293 22.62 25.87 -4.47
C SER A 293 23.07 27.32 -4.31
N PHE A 294 24.39 27.52 -4.27
CA PHE A 294 24.96 28.85 -4.07
C PHE A 294 26.09 29.08 -5.06
N ASN A 295 26.07 30.27 -5.69
CA ASN A 295 27.15 30.77 -6.53
C ASN A 295 27.18 32.30 -6.41
N SER A 296 27.93 32.79 -5.41
CA SER A 296 27.95 34.20 -5.01
C SER A 296 26.63 34.61 -4.37
N ASN A 297 25.64 33.70 -4.38
CA ASN A 297 24.33 33.91 -3.78
C ASN A 297 23.64 32.56 -3.74
N ALA A 298 22.91 32.28 -2.65
CA ALA A 298 22.25 31.01 -2.44
C ALA A 298 20.78 31.11 -2.84
N GLN A 299 20.33 30.11 -3.61
CA GLN A 299 18.94 29.99 -3.98
C GLN A 299 18.53 28.53 -3.91
N ASP A 300 17.23 28.31 -3.75
CA ASP A 300 16.67 26.98 -3.73
C ASP A 300 16.79 26.34 -5.12
N VAL A 301 17.17 25.06 -5.14
CA VAL A 301 17.26 24.32 -6.40
C VAL A 301 15.87 23.94 -6.92
N SER A 302 14.87 23.88 -6.03
CA SER A 302 13.53 23.44 -6.39
C SER A 302 12.50 24.52 -6.04
N CYS A 303 11.23 24.21 -6.23
CA CYS A 303 10.14 25.11 -5.88
C CYS A 303 9.96 25.23 -4.36
N PHE A 304 10.62 24.38 -3.57
CA PHE A 304 10.50 24.46 -2.13
C PHE A 304 11.48 25.48 -1.57
N GLN A 305 11.00 26.34 -0.67
CA GLN A 305 11.80 27.40 -0.08
C GLN A 305 12.14 27.12 1.38
N HIS A 306 11.88 25.91 1.88
CA HIS A 306 12.03 25.60 3.29
C HIS A 306 12.22 24.09 3.47
N LEU A 307 12.30 23.65 4.73
CA LEU A 307 12.46 22.23 5.05
C LEU A 307 11.15 21.49 4.84
N VAL A 308 11.17 20.56 3.88
CA VAL A 308 10.03 19.71 3.56
C VAL A 308 10.34 18.29 3.99
N GLN A 309 9.29 17.50 4.21
CA GLN A 309 9.47 16.12 4.61
C GLN A 309 10.07 15.33 3.45
N ALA A 310 10.87 14.31 3.79
CA ALA A 310 11.61 13.54 2.79
C ALA A 310 10.81 12.30 2.40
N ASN A 311 9.60 12.53 1.90
CA ASN A 311 8.75 11.50 1.36
C ASN A 311 9.09 11.30 -0.12
N VAL A 312 8.46 10.30 -0.73
CA VAL A 312 8.83 9.87 -2.09
C VAL A 312 8.62 11.01 -3.09
N ARG A 313 7.50 11.73 -3.01
CA ARG A 313 7.20 12.78 -3.98
C ARG A 313 8.20 13.93 -3.87
N ASN A 314 8.43 14.42 -2.65
CA ASN A 314 9.37 15.50 -2.43
C ASN A 314 10.78 15.05 -2.81
N LYS A 315 11.14 13.80 -2.48
CA LYS A 315 12.46 13.28 -2.83
C LYS A 315 12.65 13.27 -4.34
N LYS A 316 11.62 12.83 -5.09
CA LYS A 316 11.69 12.84 -6.54
C LYS A 316 11.82 14.27 -7.07
N VAL A 317 11.06 15.21 -6.49
CA VAL A 317 11.11 16.59 -6.94
C VAL A 317 12.51 17.17 -6.73
N LEU A 318 13.09 16.94 -5.55
CA LEU A 318 14.45 17.41 -5.26
C LEU A 318 15.47 16.76 -6.21
N LYS A 319 15.32 15.46 -6.49
CA LYS A 319 16.23 14.77 -7.39
C LYS A 319 16.17 15.38 -8.79
N ASP A 320 14.96 15.60 -9.29
CA ASP A 320 14.79 16.18 -10.62
C ASP A 320 15.33 17.60 -10.67
N ALA A 321 15.11 18.38 -9.60
CA ALA A 321 15.59 19.75 -9.53
C ALA A 321 17.12 19.79 -9.58
N VAL A 322 17.78 18.90 -8.83
CA VAL A 322 19.24 18.87 -8.83
C VAL A 322 19.74 18.37 -10.18
N ASN A 323 19.04 17.42 -10.80
CA ASN A 323 19.42 16.91 -12.11
C ASN A 323 19.33 18.00 -13.19
N ASN A 324 18.57 19.08 -12.92
CA ASN A 324 18.44 20.19 -13.85
C ASN A 324 19.44 21.33 -13.58
N ILE A 325 20.34 21.15 -12.61
CA ILE A 325 21.24 22.22 -12.20
C ILE A 325 22.33 22.41 -13.27
N THR A 326 22.89 23.63 -13.32
CA THR A 326 24.03 23.94 -14.16
C THR A 326 24.96 24.89 -13.41
N ALA A 327 26.26 24.81 -13.74
CA ALA A 327 27.30 25.53 -13.01
C ALA A 327 27.59 26.87 -13.69
N LYS A 328 27.60 27.94 -12.89
CA LYS A 328 27.91 29.26 -13.37
C LYS A 328 28.18 30.19 -12.19
N GLY A 329 29.28 30.94 -12.27
CA GLY A 329 29.65 31.96 -11.30
C GLY A 329 30.82 31.57 -10.41
N ILE A 330 31.07 32.42 -9.42
CA ILE A 330 32.20 32.26 -8.50
C ILE A 330 31.64 31.92 -7.12
N THR A 331 32.40 31.11 -6.37
CA THR A 331 31.98 30.61 -5.07
C THR A 331 32.04 31.70 -4.01
N ASP A 332 31.03 31.72 -3.13
CA ASP A 332 31.02 32.58 -1.95
C ASP A 332 30.32 31.82 -0.82
N TYR A 333 31.12 31.18 0.03
CA TYR A 333 30.60 30.31 1.08
C TYR A 333 29.78 31.08 2.12
N LYS A 334 30.17 32.33 2.43
CA LYS A 334 29.61 33.05 3.58
C LYS A 334 28.10 33.21 3.45
N LYS A 335 27.65 33.73 2.31
CA LYS A 335 26.22 33.96 2.09
C LYS A 335 25.45 32.63 1.98
N GLY A 336 26.09 31.59 1.41
CA GLY A 336 25.49 30.26 1.35
C GLY A 336 25.19 29.69 2.73
N PHE A 337 26.20 29.67 3.60
CA PHE A 337 26.03 29.16 4.96
C PHE A 337 25.08 30.05 5.76
N SER A 338 25.14 31.37 5.56
CA SER A 338 24.21 32.27 6.24
C SER A 338 22.77 31.86 5.91
N PHE A 339 22.47 31.78 4.62
CA PHE A 339 21.15 31.38 4.14
C PHE A 339 20.74 30.03 4.73
N ALA A 340 21.68 29.07 4.71
CA ALA A 340 21.44 27.77 5.33
C ALA A 340 21.11 27.93 6.80
N PHE A 341 21.70 28.91 7.49
CA PHE A 341 21.43 29.09 8.92
C PHE A 341 20.05 29.68 9.20
N GLU A 342 19.58 30.66 8.42
CA GLU A 342 18.20 31.10 8.69
C GLU A 342 17.22 30.03 8.21
N GLN A 343 17.61 29.18 7.26
CA GLN A 343 16.80 28.02 6.93
C GLN A 343 16.76 27.03 8.10
N LEU A 344 17.88 26.85 8.81
CA LEU A 344 17.91 26.02 10.01
C LEU A 344 17.04 26.59 11.12
N LEU A 345 17.11 27.92 11.33
CA LEU A 345 16.32 28.59 12.36
C LEU A 345 14.93 28.96 11.84
N ASN A 346 14.54 28.47 10.66
CA ASN A 346 13.23 28.70 10.10
C ASN A 346 12.23 27.88 10.89
N TYR A 347 11.73 28.46 11.99
CA TYR A 347 10.75 27.83 12.84
C TYR A 347 9.33 28.11 12.36
N ASN A 348 9.18 28.81 11.22
CA ASN A 348 7.85 29.10 10.66
C ASN A 348 7.25 27.89 9.95
N VAL A 349 8.04 26.82 9.74
CA VAL A 349 7.61 25.66 8.97
C VAL A 349 7.61 24.43 9.86
N SER A 350 6.98 23.37 9.35
CA SER A 350 6.91 22.09 10.04
C SER A 350 8.30 21.47 10.16
N ARG A 351 8.68 21.10 11.38
CA ARG A 351 9.96 20.49 11.65
C ARG A 351 9.84 19.57 12.86
N ALA A 352 10.70 18.54 12.88
CA ALA A 352 11.00 17.80 14.11
C ALA A 352 12.16 18.50 14.78
N ASN A 353 11.90 19.16 15.92
CA ASN A 353 12.91 19.96 16.62
C ASN A 353 13.99 19.04 17.19
N CYS A 354 14.90 18.60 16.30
CA CYS A 354 15.78 17.47 16.58
C CYS A 354 16.83 17.34 15.48
N ASN A 355 18.10 17.36 15.88
CA ASN A 355 19.20 16.92 15.04
C ASN A 355 19.29 17.78 13.78
N LYS A 356 19.63 19.06 13.98
CA LYS A 356 19.81 20.00 12.88
C LYS A 356 21.18 19.75 12.23
N ILE A 357 21.22 19.76 10.91
CA ILE A 357 22.42 19.36 10.15
C ILE A 357 22.56 20.26 8.94
N ILE A 358 23.79 20.42 8.49
CA ILE A 358 24.11 20.94 7.17
C ILE A 358 24.99 19.90 6.49
N MET A 359 24.75 19.65 5.21
CA MET A 359 25.53 18.73 4.42
C MET A 359 25.98 19.48 3.17
N LEU A 360 27.21 20.01 3.21
CA LEU A 360 27.75 20.79 2.12
C LEU A 360 28.38 19.88 1.06
N PHE A 361 28.07 20.15 -0.20
CA PHE A 361 28.64 19.44 -1.34
C PHE A 361 29.58 20.38 -2.08
N THR A 362 30.82 20.43 -1.60
CA THR A 362 31.83 21.30 -2.18
C THR A 362 32.97 20.47 -2.76
N ASP A 363 34.01 21.18 -3.21
CA ASP A 363 35.24 20.57 -3.71
C ASP A 363 36.44 20.96 -2.84
N GLY A 364 36.65 22.26 -2.64
CA GLY A 364 37.81 22.76 -1.96
C GLY A 364 37.94 24.27 -2.11
N GLY A 365 38.69 24.89 -1.20
CA GLY A 365 38.88 26.32 -1.21
C GLY A 365 39.76 26.77 -0.05
N GLU A 366 39.85 28.10 0.14
CA GLU A 366 40.65 28.70 1.19
C GLU A 366 39.83 29.74 1.96
N GLU A 367 38.57 29.40 2.28
CA GLU A 367 37.66 30.30 2.96
C GLU A 367 36.98 29.56 4.11
N ARG A 368 37.47 29.80 5.33
CA ARG A 368 36.94 29.15 6.52
C ARG A 368 35.64 29.81 6.99
N ALA A 369 35.50 31.13 6.82
CA ALA A 369 34.31 31.88 7.22
C ALA A 369 34.00 31.65 8.70
N GLN A 370 34.92 32.10 9.56
CA GLN A 370 34.78 31.89 11.00
C GLN A 370 33.59 32.70 11.55
N GLU A 371 33.47 33.94 11.09
CA GLU A 371 32.50 34.89 11.64
C GLU A 371 31.06 34.50 11.29
N ILE A 372 30.86 33.91 10.11
CA ILE A 372 29.53 33.43 9.73
C ILE A 372 29.06 32.34 10.70
N PHE A 373 29.94 31.37 11.00
CA PHE A 373 29.61 30.31 11.95
C PHE A 373 29.42 30.88 13.35
N ASN A 374 30.27 31.86 13.74
CA ASN A 374 30.23 32.42 15.08
C ASN A 374 28.93 33.20 15.32
N LYS A 375 28.46 33.94 14.30
CA LYS A 375 27.25 34.75 14.44
C LYS A 375 26.02 33.88 14.70
N TYR A 376 25.89 32.77 13.96
CA TYR A 376 24.72 31.90 14.03
C TYR A 376 24.90 30.77 15.04
N ASN A 377 26.09 30.13 15.07
CA ASN A 377 26.34 28.92 15.83
C ASN A 377 27.45 29.19 16.85
N LYS A 378 27.06 29.67 18.03
CA LYS A 378 27.97 29.89 19.14
C LYS A 378 27.89 28.75 20.16
N ASP A 379 26.68 28.34 20.51
CA ASP A 379 26.45 27.16 21.33
C ASP A 379 26.62 25.88 20.53
N LYS A 380 26.80 25.98 19.19
CA LYS A 380 27.13 24.84 18.34
C LYS A 380 25.98 23.83 18.32
N LYS A 381 24.79 24.30 17.95
CA LYS A 381 23.62 23.44 17.82
C LYS A 381 23.54 22.73 16.48
N VAL A 382 24.40 23.07 15.51
CA VAL A 382 24.26 22.60 14.14
C VAL A 382 25.54 21.89 13.73
N ARG A 383 25.39 20.65 13.24
CA ARG A 383 26.49 19.90 12.70
C ARG A 383 26.68 20.27 11.23
N VAL A 384 27.93 20.23 10.76
CA VAL A 384 28.24 20.55 9.38
C VAL A 384 29.15 19.49 8.80
N PHE A 385 28.66 18.72 7.84
CA PHE A 385 29.45 17.72 7.15
C PHE A 385 29.81 18.21 5.76
N THR A 386 31.11 18.21 5.45
CA THR A 386 31.60 18.75 4.20
C THR A 386 32.24 17.65 3.36
N PHE A 387 32.11 17.74 2.03
CA PHE A 387 32.61 16.72 1.12
C PHE A 387 33.67 17.32 0.21
N SER A 388 34.62 16.47 -0.19
CA SER A 388 35.58 16.78 -1.23
C SER A 388 35.36 15.78 -2.36
N VAL A 389 34.41 16.13 -3.24
CA VAL A 389 34.03 15.25 -4.34
C VAL A 389 34.98 15.50 -5.52
N GLY A 390 35.19 14.44 -6.31
CA GLY A 390 35.99 14.52 -7.52
C GLY A 390 37.48 14.43 -7.24
N GLN A 391 38.27 14.41 -8.32
CA GLN A 391 39.72 14.36 -8.27
C GLN A 391 40.24 15.73 -8.68
N HIS A 392 40.81 16.46 -7.72
CA HIS A 392 41.34 17.80 -7.95
C HIS A 392 42.47 18.08 -6.97
N ASN A 393 43.10 19.27 -7.09
CA ASN A 393 44.28 19.62 -6.31
C ASN A 393 44.07 20.90 -5.49
N TYR A 394 42.81 21.20 -5.13
CA TYR A 394 42.53 22.39 -4.33
C TYR A 394 42.92 22.15 -2.87
N ASP A 395 43.07 23.24 -2.12
CA ASP A 395 43.38 23.15 -0.70
C ASP A 395 42.14 22.70 0.07
N ARG A 396 42.31 21.67 0.93
CA ARG A 396 41.19 21.06 1.64
C ARG A 396 41.22 21.39 3.13
N GLY A 397 42.01 22.38 3.56
CA GLY A 397 42.15 22.71 4.96
C GLY A 397 40.86 23.29 5.57
N PRO A 398 40.35 24.42 5.03
CA PRO A 398 39.07 24.98 5.50
C PRO A 398 37.90 24.00 5.43
N ILE A 399 37.88 23.13 4.40
CA ILE A 399 36.80 22.16 4.25
C ILE A 399 36.78 21.22 5.45
N GLN A 400 37.96 20.74 5.86
CA GLN A 400 38.05 19.88 7.04
C GLN A 400 37.76 20.68 8.32
N TRP A 401 38.20 21.94 8.37
CA TRP A 401 38.01 22.77 9.55
C TRP A 401 36.52 23.04 9.83
N MET A 402 35.72 23.17 8.77
CA MET A 402 34.29 23.41 8.92
C MET A 402 33.65 22.24 9.68
N ALA A 403 34.02 20.99 9.32
CA ALA A 403 33.46 19.82 9.97
C ALA A 403 34.06 19.64 11.37
N CYS A 404 35.37 19.91 11.51
CA CYS A 404 36.07 19.74 12.77
C CYS A 404 35.50 20.67 13.85
N GLU A 405 35.24 21.92 13.49
CA GLU A 405 34.76 22.92 14.45
C GLU A 405 33.28 22.73 14.76
N ASN A 406 32.47 22.29 13.78
CA ASN A 406 31.01 22.23 13.94
C ASN A 406 30.53 20.83 14.33
N LYS A 407 31.39 20.02 14.98
CA LYS A 407 31.05 18.67 15.41
C LYS A 407 30.58 17.75 14.27
N GLY A 408 30.97 18.02 13.02
CA GLY A 408 30.55 17.20 11.88
C GLY A 408 31.66 16.27 11.45
N TYR A 409 31.68 15.88 10.16
CA TYR A 409 32.70 14.99 9.66
C TYR A 409 33.04 15.38 8.24
N TYR A 410 34.24 15.01 7.78
CA TYR A 410 34.68 15.32 6.42
C TYR A 410 34.89 14.05 5.60
N TYR A 411 34.46 14.08 4.33
CA TYR A 411 34.46 12.91 3.47
C TYR A 411 35.07 13.26 2.11
N GLU A 412 35.68 12.26 1.47
CA GLU A 412 36.21 12.39 0.13
C GLU A 412 35.54 11.38 -0.79
N ILE A 413 35.20 11.83 -2.02
CA ILE A 413 34.62 10.97 -3.04
C ILE A 413 35.49 11.10 -4.28
N PRO A 414 36.56 10.27 -4.42
CA PRO A 414 37.42 10.37 -5.60
C PRO A 414 36.79 9.86 -6.90
N SER A 415 35.86 8.89 -6.80
CA SER A 415 35.23 8.32 -7.98
C SER A 415 33.93 7.62 -7.59
N ILE A 416 33.18 7.21 -8.62
CA ILE A 416 31.94 6.46 -8.45
C ILE A 416 32.24 5.10 -7.80
N GLY A 417 31.48 4.77 -6.76
CA GLY A 417 31.62 3.51 -6.04
C GLY A 417 31.70 3.72 -4.53
N ALA A 418 32.39 4.81 -4.11
CA ALA A 418 32.56 5.14 -2.71
C ALA A 418 31.38 5.93 -2.14
N ILE A 419 30.37 6.28 -2.96
CA ILE A 419 29.24 7.05 -2.49
C ILE A 419 28.41 6.21 -1.51
N ARG A 420 28.23 4.92 -1.84
CA ARG A 420 27.43 4.03 -1.02
C ARG A 420 28.03 3.86 0.38
N ILE A 421 29.35 3.69 0.47
CA ILE A 421 30.02 3.49 1.76
C ILE A 421 30.04 4.80 2.54
N ASN A 422 30.38 5.93 1.88
CA ASN A 422 30.50 7.21 2.56
C ASN A 422 29.17 7.71 3.11
N THR A 423 28.06 7.38 2.45
CA THR A 423 26.76 7.82 2.90
C THR A 423 26.38 7.21 4.25
N GLN A 424 26.78 5.97 4.49
CA GLN A 424 26.47 5.29 5.74
C GLN A 424 27.20 5.93 6.92
N GLU A 425 28.33 6.62 6.66
CA GLU A 425 29.24 7.02 7.73
C GLU A 425 28.66 8.14 8.60
N TYR A 426 28.06 9.17 8.00
CA TYR A 426 27.59 10.32 8.76
C TYR A 426 26.50 9.89 9.76
N LEU A 427 25.74 8.85 9.41
CA LEU A 427 24.70 8.33 10.28
C LEU A 427 25.32 7.71 11.54
N ASP A 428 26.43 7.00 11.39
CA ASP A 428 27.12 6.45 12.55
C ASP A 428 27.80 7.56 13.35
N VAL A 429 28.22 8.63 12.67
CA VAL A 429 28.77 9.80 13.33
C VAL A 429 27.69 10.51 14.15
N LEU A 430 26.45 10.51 13.67
CA LEU A 430 25.33 11.13 14.39
C LEU A 430 24.93 10.35 15.64
N GLY A 431 25.41 9.11 15.80
CA GLY A 431 25.02 8.23 16.89
C GLY A 431 25.81 8.47 18.17
N ARG A 432 26.75 9.44 18.16
CA ARG A 432 27.58 9.69 19.33
C ARG A 432 26.75 10.11 20.55
N PRO A 433 25.84 11.09 20.49
CA PRO A 433 24.92 11.33 21.60
C PRO A 433 24.05 10.11 21.89
N MET A 434 23.72 9.35 20.85
CA MET A 434 22.90 8.17 21.02
C MET A 434 23.68 7.07 21.75
N VAL A 435 24.95 6.84 21.42
CA VAL A 435 25.73 5.84 22.15
C VAL A 435 25.99 6.31 23.58
N LEU A 436 26.17 7.62 23.78
CA LEU A 436 26.45 8.16 25.12
C LEU A 436 25.17 8.38 25.93
N ALA A 437 23.99 8.15 25.36
CA ALA A 437 22.75 8.21 26.13
C ALA A 437 22.68 7.07 27.15
N GLY A 438 23.27 5.91 26.81
CA GLY A 438 23.38 4.78 27.72
C GLY A 438 22.06 4.01 27.83
N ASP A 439 21.38 4.13 28.98
CA ASP A 439 20.16 3.40 29.25
C ASP A 439 18.94 4.13 28.66
N LYS A 440 19.17 5.07 27.75
CA LYS A 440 18.10 5.82 27.11
C LYS A 440 17.95 5.46 25.64
N ALA A 441 19.07 5.14 24.95
CA ALA A 441 19.01 4.70 23.57
C ALA A 441 18.45 3.29 23.43
N LYS A 442 18.30 2.54 24.54
CA LYS A 442 17.66 1.23 24.51
C LYS A 442 16.14 1.42 24.34
N GLN A 443 15.73 1.59 23.08
CA GLN A 443 14.34 1.74 22.72
C GLN A 443 14.17 1.31 21.27
N VAL A 444 13.34 0.29 21.06
CA VAL A 444 13.15 -0.29 19.74
C VAL A 444 12.28 0.65 18.90
N GLN A 445 12.63 0.78 17.62
CA GLN A 445 11.89 1.63 16.69
C GLN A 445 11.39 0.78 15.53
N TRP A 446 10.07 0.79 15.34
CA TRP A 446 9.43 -0.03 14.31
C TRP A 446 9.41 0.66 12.98
N THR A 447 9.90 0.02 11.93
CA THR A 447 9.90 0.64 10.61
C THR A 447 8.50 0.58 9.96
N ASN A 448 8.32 1.30 8.85
CA ASN A 448 7.06 1.21 8.11
C ASN A 448 7.12 0.01 7.17
N VAL A 449 5.99 -0.30 6.53
CA VAL A 449 5.83 -1.51 5.74
C VAL A 449 6.70 -1.41 4.49
N TYR A 450 7.49 -2.45 4.21
CA TYR A 450 8.41 -2.47 3.07
C TYR A 450 8.54 -3.90 2.57
N LEU A 451 8.98 -4.06 1.32
CA LEU A 451 9.03 -5.40 0.77
C LEU A 451 10.24 -6.13 1.33
N ASP A 452 10.03 -7.38 1.73
CA ASP A 452 11.08 -8.21 2.31
C ASP A 452 12.09 -8.58 1.23
N ALA A 453 13.30 -8.94 1.65
CA ALA A 453 14.39 -9.12 0.71
C ALA A 453 14.24 -10.45 -0.02
N LEU A 454 13.91 -11.52 0.71
CA LEU A 454 13.74 -12.83 0.07
C LEU A 454 12.27 -13.16 -0.18
N GLU A 455 11.48 -12.13 -0.52
CA GLU A 455 10.22 -12.27 -1.22
C GLU A 455 9.28 -13.07 -0.35
N LEU A 456 9.02 -12.54 0.83
CA LEU A 456 8.13 -13.16 1.78
C LEU A 456 6.82 -12.39 1.88
N GLY A 457 6.81 -11.10 1.53
CA GLY A 457 5.58 -10.32 1.54
C GLY A 457 5.80 -8.94 2.15
N LEU A 458 4.75 -8.42 2.78
CA LEU A 458 4.83 -7.12 3.41
C LEU A 458 5.20 -7.36 4.86
N VAL A 459 6.29 -6.70 5.27
CA VAL A 459 6.91 -6.92 6.55
C VAL A 459 7.37 -5.57 7.10
N ILE A 460 7.41 -5.41 8.43
CA ILE A 460 8.17 -4.35 9.09
C ILE A 460 9.25 -4.96 9.96
N THR A 461 10.22 -4.15 10.39
CA THR A 461 11.39 -4.62 11.11
C THR A 461 11.62 -3.80 12.35
N GLY A 462 11.95 -4.48 13.46
CA GLY A 462 12.40 -3.82 14.70
C GLY A 462 13.89 -3.43 14.60
N THR A 463 14.33 -2.48 15.42
CA THR A 463 15.68 -1.97 15.35
C THR A 463 16.23 -1.76 16.76
N LEU A 464 17.47 -2.19 16.99
CA LEU A 464 18.23 -1.82 18.17
C LEU A 464 19.70 -1.85 17.83
N PRO A 465 20.47 -0.82 18.21
CA PRO A 465 21.91 -0.83 17.97
C PRO A 465 22.69 -1.45 19.14
N VAL A 466 23.87 -1.94 18.83
CA VAL A 466 24.72 -2.62 19.79
C VAL A 466 25.99 -1.80 19.97
N PHE A 467 26.42 -1.67 21.24
CA PHE A 467 27.55 -0.84 21.63
C PHE A 467 28.62 -1.72 22.26
N ASN A 468 29.79 -1.14 22.59
CA ASN A 468 30.77 -1.84 23.39
C ASN A 468 30.92 -1.24 24.78
N ILE A 469 29.89 -0.58 25.30
CA ILE A 469 29.97 -0.01 26.63
C ILE A 469 29.98 -1.16 27.63
N THR A 470 30.96 -1.12 28.55
CA THR A 470 31.21 -2.21 29.49
C THR A 470 31.99 -1.71 30.69
N GLY A 471 31.67 -2.25 31.88
CA GLY A 471 32.38 -1.91 33.12
C GLY A 471 32.06 -0.50 33.61
N GLN A 472 30.81 -0.29 34.04
CA GLN A 472 30.38 1.02 34.52
C GLN A 472 31.03 1.36 35.87
N PHE A 473 31.46 0.35 36.64
CA PHE A 473 32.02 0.56 37.97
C PHE A 473 33.46 1.08 37.92
N GLU A 474 34.14 0.94 36.78
CA GLU A 474 35.51 1.44 36.65
C GLU A 474 35.64 2.53 35.59
N ASN A 475 34.89 2.41 34.48
CA ASN A 475 34.88 3.41 33.41
C ASN A 475 36.29 3.55 32.80
N LYS A 476 36.78 2.44 32.25
CA LYS A 476 37.89 2.46 31.30
C LYS A 476 37.35 2.80 29.93
N THR A 477 36.01 2.94 29.82
CA THR A 477 35.28 3.33 28.63
C THR A 477 35.37 4.83 28.38
N ASN A 478 34.41 5.39 27.60
CA ASN A 478 34.54 6.69 26.94
C ASN A 478 35.68 6.60 25.93
N LEU A 479 35.47 5.72 24.93
CA LEU A 479 36.48 5.32 23.96
C LEU A 479 35.83 5.10 22.59
N LYS A 480 36.47 4.30 21.72
CA LYS A 480 35.89 3.70 20.52
C LYS A 480 34.41 3.32 20.62
N ASN A 481 33.90 3.04 21.83
CA ASN A 481 32.48 2.86 22.10
C ASN A 481 31.56 3.83 21.35
N GLN A 482 32.06 5.04 21.03
CA GLN A 482 31.38 6.02 20.21
C GLN A 482 30.74 5.39 18.96
N LEU A 483 31.50 4.53 18.28
CA LEU A 483 31.00 3.83 17.11
C LEU A 483 30.16 2.64 17.55
N ILE A 484 29.23 2.26 16.68
CA ILE A 484 28.38 1.10 16.89
C ILE A 484 28.94 -0.07 16.08
N LEU A 485 28.66 -1.28 16.57
CA LEU A 485 28.99 -2.51 15.85
C LEU A 485 27.97 -2.83 14.77
N GLY A 486 26.80 -2.19 14.81
CA GLY A 486 25.77 -2.37 13.82
C GLY A 486 24.43 -2.45 14.55
N VAL A 487 23.40 -2.89 13.84
CA VAL A 487 22.02 -2.94 14.34
C VAL A 487 21.46 -4.31 14.00
N MET A 488 20.61 -4.84 14.88
CA MET A 488 19.99 -6.13 14.65
C MET A 488 18.48 -6.01 14.77
N GLY A 489 17.75 -6.79 13.97
CA GLY A 489 16.33 -6.61 13.79
C GLY A 489 15.59 -7.93 13.56
N VAL A 490 14.32 -7.93 13.96
CA VAL A 490 13.39 -9.01 13.74
C VAL A 490 12.27 -8.53 12.84
N ASP A 491 11.59 -9.45 12.17
CA ASP A 491 10.56 -9.11 11.18
C ASP A 491 9.20 -9.66 11.58
N VAL A 492 8.16 -8.88 11.30
CA VAL A 492 6.79 -9.38 11.37
C VAL A 492 6.10 -9.14 10.03
N SER A 493 5.54 -10.21 9.45
CA SER A 493 4.84 -10.14 8.17
C SER A 493 3.48 -9.52 8.39
N LEU A 494 2.98 -8.79 7.38
CA LEU A 494 1.63 -8.27 7.44
C LEU A 494 0.62 -9.40 7.39
N GLU A 495 1.01 -10.59 6.90
CA GLU A 495 0.15 -11.76 7.11
C GLU A 495 -0.01 -12.07 8.60
N ASP A 496 1.06 -11.94 9.40
CA ASP A 496 0.98 -12.15 10.83
C ASP A 496 0.09 -11.10 11.51
N ILE A 497 0.18 -9.84 11.07
CA ILE A 497 -0.69 -8.81 11.61
C ILE A 497 -2.15 -9.10 11.23
N LYS A 498 -2.37 -9.51 9.99
CA LYS A 498 -3.71 -9.77 9.53
C LYS A 498 -4.26 -11.07 10.10
N ARG A 499 -3.42 -11.95 10.63
CA ARG A 499 -3.93 -13.09 11.39
C ARG A 499 -4.60 -12.63 12.70
N LEU A 500 -4.14 -11.49 13.24
CA LEU A 500 -4.74 -10.86 14.40
C LEU A 500 -5.99 -10.07 14.03
N THR A 501 -6.29 -9.93 12.72
CA THR A 501 -7.42 -9.17 12.24
C THR A 501 -8.45 -10.09 11.61
N PRO A 502 -9.54 -10.44 12.31
CA PRO A 502 -10.62 -11.24 11.71
C PRO A 502 -11.58 -10.44 10.83
N ARG A 503 -11.17 -10.27 9.58
CA ARG A 503 -11.98 -9.56 8.59
C ARG A 503 -13.20 -10.33 8.11
N PHE A 504 -13.19 -11.66 8.19
CA PHE A 504 -14.22 -12.46 7.55
C PHE A 504 -15.51 -12.52 8.36
N THR A 505 -15.50 -12.01 9.60
CA THR A 505 -16.73 -11.85 10.35
C THR A 505 -17.41 -10.52 10.08
N LEU A 506 -16.80 -9.65 9.27
CA LEU A 506 -17.38 -8.37 8.89
C LEU A 506 -18.01 -8.50 7.50
N CYS A 507 -18.53 -7.37 7.00
CA CYS A 507 -18.93 -7.24 5.62
C CYS A 507 -17.70 -6.97 4.75
N PRO A 508 -17.77 -7.24 3.43
CA PRO A 508 -16.69 -6.86 2.52
C PRO A 508 -16.40 -5.37 2.49
N ASN A 509 -17.34 -4.53 2.94
CA ASN A 509 -17.15 -3.07 2.91
C ASN A 509 -16.44 -2.61 4.19
N GLY A 510 -16.50 -3.43 5.26
CA GLY A 510 -15.73 -3.20 6.48
C GLY A 510 -14.30 -3.70 6.37
N TYR A 511 -13.43 -3.11 7.22
CA TYR A 511 -12.03 -3.46 7.25
C TYR A 511 -11.34 -2.88 8.48
N TYR A 512 -10.01 -3.11 8.58
CA TYR A 512 -9.18 -2.54 9.60
C TYR A 512 -8.13 -1.63 8.97
N PHE A 513 -7.71 -0.60 9.72
CA PHE A 513 -6.56 0.17 9.31
C PHE A 513 -5.88 0.78 10.53
N ALA A 514 -4.54 0.77 10.51
CA ALA A 514 -3.72 1.31 11.58
C ALA A 514 -2.76 2.33 10.99
N ILE A 515 -2.52 3.42 11.74
CA ILE A 515 -1.78 4.56 11.25
C ILE A 515 -0.71 4.93 12.29
N ASP A 516 0.50 5.18 11.79
CA ASP A 516 1.64 5.68 12.57
C ASP A 516 1.61 7.19 12.73
N PRO A 517 2.33 7.79 13.71
CA PRO A 517 2.28 9.23 13.91
C PRO A 517 2.74 10.10 12.73
N ASN A 518 3.50 9.54 11.78
CA ASN A 518 3.79 10.24 10.54
C ASN A 518 2.49 10.45 9.77
N GLY A 519 1.62 9.45 9.69
CA GLY A 519 0.33 9.59 9.04
C GLY A 519 0.01 8.46 8.06
N TYR A 520 1.01 7.67 7.65
CA TYR A 520 0.78 6.59 6.70
C TYR A 520 0.05 5.42 7.34
N VAL A 521 -0.42 4.52 6.49
CA VAL A 521 -1.27 3.42 6.90
C VAL A 521 -0.42 2.16 7.00
N LEU A 522 -0.61 1.42 8.09
CA LEU A 522 0.13 0.18 8.33
C LEU A 522 -0.56 -0.99 7.64
N LEU A 523 -1.90 -0.96 7.61
CA LEU A 523 -2.69 -2.02 7.04
C LEU A 523 -3.93 -1.40 6.39
N HIS A 524 -4.19 -1.77 5.14
CA HIS A 524 -5.36 -1.27 4.43
C HIS A 524 -5.70 -2.22 3.31
N PRO A 525 -7.00 -2.41 2.97
CA PRO A 525 -7.38 -3.14 1.78
C PRO A 525 -6.69 -2.73 0.48
N ASN A 526 -6.57 -1.42 0.29
CA ASN A 526 -5.97 -0.87 -0.91
C ASN A 526 -4.45 -0.93 -0.85
N LEU A 527 -3.86 -1.28 0.32
CA LEU A 527 -2.42 -1.47 0.43
C LEU A 527 -2.02 -2.74 -0.32
N GLN A 528 -1.54 -2.55 -1.56
CA GLN A 528 -1.13 -3.66 -2.39
C GLN A 528 0.30 -3.45 -2.86
N PRO A 529 1.12 -4.51 -2.94
CA PRO A 529 2.47 -4.37 -3.48
C PRO A 529 2.45 -4.08 -4.98
N LYS A 530 3.53 -3.46 -5.45
CA LYS A 530 3.78 -3.25 -6.88
C LYS A 530 4.62 -4.37 -7.49
N ASN A 531 5.71 -4.79 -6.82
CA ASN A 531 6.63 -5.78 -7.34
C ASN A 531 6.10 -7.18 -7.01
N GLU A 536 11.84 -1.10 -2.12
CA GLU A 536 11.35 0.26 -1.72
C GLU A 536 10.21 0.10 -0.71
N PRO A 537 10.20 0.87 0.39
CA PRO A 537 9.04 0.85 1.29
C PRO A 537 7.77 1.32 0.60
N VAL A 538 6.67 0.63 0.89
CA VAL A 538 5.36 1.02 0.41
C VAL A 538 4.80 2.07 1.35
N THR A 539 4.32 3.15 0.76
CA THR A 539 3.88 4.33 1.46
C THR A 539 2.50 4.70 0.93
N LEU A 540 1.51 4.55 1.81
CA LEU A 540 0.16 5.02 1.54
C LEU A 540 -0.31 5.84 2.73
N ASP A 541 -0.71 7.08 2.44
CA ASP A 541 -1.27 7.94 3.48
C ASP A 541 -2.70 7.52 3.73
N PHE A 542 -3.24 7.89 4.88
CA PHE A 542 -4.64 7.65 5.17
C PHE A 542 -5.52 8.33 4.14
N LEU A 543 -5.24 9.58 3.79
CA LEU A 543 -5.95 10.29 2.72
C LEU A 543 -5.26 10.10 1.36
N ASP A 544 -4.87 8.86 1.06
CA ASP A 544 -4.33 8.51 -0.23
C ASP A 544 -4.91 7.17 -0.70
N ALA A 545 -5.49 6.40 0.23
CA ALA A 545 -6.16 5.15 -0.05
C ALA A 545 -7.66 5.36 -0.15
N GLU A 546 -8.23 6.08 0.83
CA GLU A 546 -9.63 6.45 0.80
C GLU A 546 -9.84 7.77 0.07
N LEU A 547 -11.08 8.28 0.09
CA LEU A 547 -11.39 9.57 -0.52
C LEU A 547 -11.38 10.65 0.56
N GLU A 548 -10.87 11.84 0.17
CA GLU A 548 -10.58 12.89 1.13
C GLU A 548 -11.82 13.70 1.44
N ASN A 549 -11.85 14.25 2.66
CA ASN A 549 -12.84 15.24 3.06
C ASN A 549 -12.26 16.07 4.22
N ASP A 550 -13.13 16.79 4.94
CA ASP A 550 -12.76 17.47 6.16
C ASP A 550 -12.85 16.55 7.38
N ILE A 551 -13.80 15.61 7.40
CA ILE A 551 -13.97 14.75 8.57
C ILE A 551 -12.83 13.74 8.68
N LYS A 552 -12.42 13.16 7.56
CA LYS A 552 -11.35 12.18 7.60
C LYS A 552 -10.02 12.84 7.97
N VAL A 553 -9.74 14.04 7.44
CA VAL A 553 -8.52 14.75 7.83
C VAL A 553 -8.61 15.16 9.29
N GLU A 554 -9.80 15.56 9.77
CA GLU A 554 -9.98 15.90 11.17
C GLU A 554 -9.67 14.70 12.07
N ILE A 555 -10.16 13.51 11.73
CA ILE A 555 -9.92 12.33 12.57
C ILE A 555 -8.50 11.80 12.38
N ARG A 556 -7.89 12.01 11.20
CA ARG A 556 -6.49 11.66 10.98
C ARG A 556 -5.58 12.67 11.68
N ASN A 557 -6.10 13.83 12.08
CA ASN A 557 -5.38 14.76 12.93
C ASN A 557 -5.86 14.70 14.37
N LYS A 558 -6.82 13.82 14.66
CA LYS A 558 -7.36 13.71 16.01
C LYS A 558 -6.96 12.40 16.67
N MET A 559 -6.55 11.39 15.90
CA MET A 559 -6.03 10.14 16.48
C MET A 559 -4.57 9.89 16.15
N ILE A 560 -3.96 10.67 15.26
CA ILE A 560 -2.53 10.55 15.00
C ILE A 560 -1.72 10.93 16.25
N ASP A 561 -2.26 11.82 17.08
CA ASP A 561 -1.61 12.18 18.32
C ASP A 561 -1.83 11.10 19.40
N GLY A 562 -2.76 10.17 19.17
CA GLY A 562 -2.97 9.03 20.04
C GLY A 562 -4.15 9.23 20.98
N GLU A 563 -5.31 9.63 20.43
CA GLU A 563 -6.55 9.75 21.18
C GLU A 563 -7.51 8.65 20.73
N SER A 564 -8.68 8.56 21.39
CA SER A 564 -9.69 7.56 21.10
C SER A 564 -11.06 8.23 21.03
N GLY A 565 -11.97 7.58 20.30
CA GLY A 565 -13.34 8.04 20.21
C GLY A 565 -14.09 7.35 19.08
N GLU A 566 -15.27 7.88 18.77
CA GLU A 566 -16.09 7.39 17.68
C GLU A 566 -16.73 8.58 16.98
N LYS A 567 -17.05 8.38 15.69
CA LYS A 567 -17.66 9.41 14.87
C LYS A 567 -18.31 8.74 13.66
N THR A 568 -19.57 9.10 13.42
CA THR A 568 -20.31 8.64 12.25
C THR A 568 -20.56 9.84 11.33
N PHE A 569 -20.17 9.69 10.05
CA PHE A 569 -20.24 10.79 9.10
C PHE A 569 -20.78 10.27 7.78
N ARG A 570 -21.40 11.19 7.02
CA ARG A 570 -22.03 10.90 5.75
C ARG A 570 -21.11 11.37 4.64
N THR A 571 -20.50 10.40 3.93
CA THR A 571 -19.55 10.69 2.87
C THR A 571 -19.77 9.76 1.70
N LEU A 572 -18.82 9.82 0.74
CA LEU A 572 -18.92 9.00 -0.46
C LEU A 572 -17.67 8.13 -0.56
N VAL A 573 -17.88 6.85 -0.93
CA VAL A 573 -16.90 5.78 -0.81
C VAL A 573 -16.51 5.27 -2.18
N LYS A 574 -15.53 4.37 -2.29
CA LYS A 574 -14.96 3.94 -3.55
C LYS A 574 -15.05 2.41 -3.63
N SER A 575 -15.19 1.88 -4.84
CA SER A 575 -15.38 0.47 -5.12
C SER A 575 -14.05 -0.27 -5.17
N GLN A 576 -14.16 -1.61 -5.17
CA GLN A 576 -12.98 -2.47 -5.24
C GLN A 576 -12.23 -2.26 -6.55
N ASP A 577 -12.96 -2.19 -7.65
CA ASP A 577 -12.36 -1.88 -8.94
C ASP A 577 -12.38 -0.36 -9.16
N GLU A 578 -11.36 0.15 -9.82
CA GLU A 578 -11.21 1.59 -9.99
C GLU A 578 -12.09 2.09 -11.14
N ARG A 579 -13.39 1.88 -11.03
CA ARG A 579 -14.33 2.25 -12.08
C ARG A 579 -15.54 3.00 -11.55
N TYR A 580 -15.95 2.74 -10.30
CA TYR A 580 -17.16 3.33 -9.77
C TYR A 580 -16.90 3.97 -8.40
N ILE A 581 -17.57 5.08 -8.13
CA ILE A 581 -17.66 5.69 -6.82
C ILE A 581 -19.05 5.37 -6.31
N ASP A 582 -19.23 5.44 -4.99
CA ASP A 582 -20.50 5.17 -4.35
C ASP A 582 -20.68 6.10 -3.18
N LYS A 583 -21.70 5.85 -2.35
CA LYS A 583 -21.99 6.73 -1.25
C LYS A 583 -22.70 5.96 -0.16
N GLY A 584 -22.33 6.26 1.09
CA GLY A 584 -22.86 5.55 2.23
C GLY A 584 -22.33 6.14 3.54
N ASN A 585 -22.96 5.72 4.64
CA ASN A 585 -22.60 6.18 5.97
C ASN A 585 -21.68 5.14 6.60
N ARG A 586 -20.52 5.63 7.03
CA ARG A 586 -19.47 4.85 7.66
C ARG A 586 -19.16 5.49 9.00
N THR A 587 -18.99 4.64 10.03
CA THR A 587 -18.58 5.09 11.36
C THR A 587 -17.17 4.55 11.63
N TYR A 588 -16.33 5.43 12.20
CA TYR A 588 -14.95 5.06 12.49
C TYR A 588 -14.80 5.00 14.00
N THR A 589 -14.26 3.86 14.46
CA THR A 589 -13.91 3.68 15.85
C THR A 589 -12.41 3.50 15.94
N TRP A 590 -11.77 4.28 16.82
CA TRP A 590 -10.32 4.27 16.95
C TRP A 590 -9.92 4.31 18.41
N THR A 591 -8.75 3.71 18.70
CA THR A 591 -8.11 3.77 20.01
C THR A 591 -6.61 3.72 19.80
N PRO A 592 -5.81 4.41 20.66
CA PRO A 592 -4.35 4.29 20.56
C PRO A 592 -3.83 2.94 21.04
N VAL A 593 -2.66 2.56 20.52
CA VAL A 593 -1.95 1.37 20.96
C VAL A 593 -0.91 1.81 21.98
N ASN A 594 -1.15 1.51 23.26
CA ASN A 594 -0.37 2.12 24.32
C ASN A 594 1.11 1.70 24.25
N GLY A 595 1.37 0.49 23.76
CA GLY A 595 2.73 -0.02 23.73
C GLY A 595 3.64 0.72 22.75
N THR A 596 3.10 1.02 21.57
CA THR A 596 3.89 1.59 20.48
C THR A 596 3.33 2.96 20.09
N ASP A 597 3.88 3.51 19.01
CA ASP A 597 3.45 4.79 18.48
C ASP A 597 2.24 4.67 17.55
N TYR A 598 1.90 3.44 17.13
CA TYR A 598 0.84 3.22 16.18
C TYR A 598 -0.53 3.56 16.78
N SER A 599 -1.51 3.67 15.89
CA SER A 599 -2.91 3.91 16.24
C SER A 599 -3.80 3.16 15.26
N LEU A 600 -4.61 2.24 15.77
CA LEU A 600 -5.47 1.40 14.93
C LEU A 600 -6.90 1.91 15.00
N ALA A 601 -7.65 1.69 13.91
CA ALA A 601 -9.05 2.06 13.82
C ALA A 601 -9.81 1.02 13.02
N LEU A 602 -11.14 1.05 13.17
CA LEU A 602 -12.05 0.10 12.53
C LEU A 602 -13.21 0.86 11.91
N VAL A 603 -13.72 0.35 10.79
CA VAL A 603 -14.81 0.94 10.05
C VAL A 603 -15.98 -0.03 9.96
N LEU A 604 -17.19 0.54 10.04
CA LEU A 604 -18.40 -0.24 9.95
C LEU A 604 -19.47 0.56 9.23
N PRO A 605 -19.86 0.20 8.00
CA PRO A 605 -21.08 0.74 7.40
C PRO A 605 -22.26 0.36 8.29
N THR A 606 -23.31 1.18 8.33
CA THR A 606 -24.38 0.92 9.30
C THR A 606 -25.33 -0.15 8.76
N TYR A 607 -24.75 -1.23 8.25
CA TYR A 607 -25.44 -2.50 8.09
C TYR A 607 -24.58 -3.70 8.49
N SER A 608 -23.29 -3.48 8.84
CA SER A 608 -22.42 -4.52 9.36
C SER A 608 -22.13 -4.32 10.85
N PHE A 609 -22.97 -3.55 11.57
CA PHE A 609 -22.92 -3.51 13.02
C PHE A 609 -23.21 -4.87 13.63
N TYR A 610 -24.02 -5.68 12.94
CA TYR A 610 -24.24 -7.05 13.32
C TYR A 610 -23.73 -7.96 12.21
N TYR A 611 -23.60 -9.27 12.54
CA TYR A 611 -23.10 -10.26 11.58
C TYR A 611 -23.90 -11.53 11.75
N ILE A 612 -23.44 -12.62 11.14
CA ILE A 612 -24.15 -13.90 11.16
C ILE A 612 -23.21 -15.00 11.67
N LYS A 613 -23.82 -16.04 12.24
CA LYS A 613 -23.10 -17.21 12.73
C LYS A 613 -23.88 -18.47 12.36
N ALA A 614 -23.44 -19.62 12.87
CA ALA A 614 -24.16 -20.87 12.66
C ALA A 614 -24.14 -21.69 13.94
N LYS A 615 -25.30 -22.29 14.25
CA LYS A 615 -25.46 -23.11 15.44
C LYS A 615 -24.64 -24.40 15.27
N LEU A 616 -23.69 -24.61 16.19
CA LEU A 616 -22.92 -25.84 16.30
C LEU A 616 -22.21 -26.14 14.98
N ASP A 632 -23.44 -29.34 2.15
CA ASP A 632 -23.48 -30.83 2.27
C ASP A 632 -22.33 -31.43 1.47
N SER A 633 -22.33 -32.76 1.29
CA SER A 633 -21.30 -33.46 0.52
C SER A 633 -21.59 -33.46 -0.97
N GLU A 634 -22.85 -33.71 -1.34
CA GLU A 634 -23.25 -33.82 -2.73
C GLU A 634 -23.19 -32.48 -3.44
N THR A 635 -23.39 -31.38 -2.71
CA THR A 635 -23.43 -30.04 -3.27
C THR A 635 -22.08 -29.69 -3.90
N LEU A 636 -20.98 -29.95 -3.18
CA LEU A 636 -19.65 -29.58 -3.63
C LEU A 636 -18.97 -30.79 -4.28
N LYS A 637 -19.63 -31.30 -5.34
CA LYS A 637 -19.10 -32.39 -6.12
C LYS A 637 -19.05 -31.96 -7.58
N PRO A 638 -17.85 -31.89 -8.20
CA PRO A 638 -17.78 -31.59 -9.63
C PRO A 638 -18.64 -32.43 -10.57
N ASP A 639 -18.80 -33.71 -10.28
CA ASP A 639 -19.62 -34.58 -11.10
C ASP A 639 -21.11 -34.20 -11.03
N ASN A 640 -21.53 -33.51 -9.95
CA ASN A 640 -22.90 -33.04 -9.82
C ASN A 640 -23.10 -31.65 -10.42
N PHE A 641 -22.08 -31.07 -11.07
CA PHE A 641 -22.23 -29.76 -11.69
C PHE A 641 -23.20 -29.75 -12.86
N GLU A 642 -23.53 -30.93 -13.40
CA GLU A 642 -24.50 -31.06 -14.46
C GLU A 642 -25.85 -30.48 -14.03
N GLU A 643 -26.19 -30.63 -12.74
CA GLU A 643 -27.46 -30.20 -12.20
C GLU A 643 -27.30 -29.06 -11.19
N SER A 644 -26.17 -28.98 -10.48
CA SER A 644 -25.97 -27.95 -9.46
C SER A 644 -25.27 -26.69 -9.97
N GLY A 645 -24.63 -26.77 -11.16
CA GLY A 645 -23.88 -25.63 -11.70
C GLY A 645 -22.40 -25.64 -11.29
N TYR A 646 -21.58 -24.99 -12.11
CA TYR A 646 -20.14 -25.04 -11.95
C TYR A 646 -19.73 -24.21 -10.73
N THR A 647 -19.62 -24.87 -9.58
CA THR A 647 -19.34 -24.21 -8.33
C THR A 647 -17.88 -23.81 -8.19
N PHE A 648 -17.67 -22.62 -7.60
CA PHE A 648 -16.37 -22.15 -7.14
C PHE A 648 -16.42 -21.98 -5.62
N ILE A 649 -15.34 -22.39 -4.92
CA ILE A 649 -15.20 -22.22 -3.48
C ILE A 649 -14.04 -21.26 -3.20
N ALA A 650 -14.22 -20.36 -2.22
CA ALA A 650 -13.28 -19.27 -2.01
C ALA A 650 -12.04 -19.77 -1.29
N PRO A 651 -10.83 -19.71 -1.87
CA PRO A 651 -9.63 -20.22 -1.21
C PRO A 651 -9.19 -19.39 0.00
N ARG A 652 -9.93 -19.51 1.09
CA ARG A 652 -9.51 -18.91 2.36
C ARG A 652 -8.94 -20.00 3.24
N ASP A 653 -8.38 -19.56 4.37
CA ASP A 653 -7.74 -20.44 5.35
C ASP A 653 -8.82 -21.19 6.12
N TYR A 654 -9.56 -22.07 5.42
CA TYR A 654 -10.57 -22.89 6.06
C TYR A 654 -9.93 -23.80 7.09
N CYS A 655 -8.79 -24.39 6.73
CA CYS A 655 -8.15 -25.35 7.60
C CYS A 655 -6.64 -25.32 7.38
N ASN A 656 -5.90 -25.41 8.47
CA ASN A 656 -4.44 -25.36 8.42
C ASN A 656 -3.86 -26.58 7.70
N ASP A 657 -4.58 -27.72 7.71
CA ASP A 657 -4.10 -28.93 7.07
C ASP A 657 -4.01 -28.75 5.56
N LEU A 658 -5.04 -28.15 4.94
CA LEU A 658 -5.05 -27.94 3.50
C LEU A 658 -4.40 -26.60 3.14
N LYS A 659 -4.25 -26.33 1.84
CA LYS A 659 -3.67 -25.07 1.38
C LYS A 659 -4.55 -24.47 0.29
N ILE A 660 -4.45 -23.15 0.08
CA ILE A 660 -5.17 -22.49 -1.03
C ILE A 660 -4.65 -23.07 -2.34
N SER A 661 -5.48 -23.11 -3.38
CA SER A 661 -5.09 -23.73 -4.65
C SER A 661 -5.19 -22.74 -5.81
N ASP A 662 -6.14 -21.79 -5.71
CA ASP A 662 -6.46 -20.84 -6.78
C ASP A 662 -7.08 -21.58 -7.97
N ASN A 663 -6.42 -22.68 -8.39
CA ASN A 663 -7.03 -23.70 -9.25
C ASN A 663 -8.55 -23.73 -9.07
N ASN A 664 -9.00 -23.83 -7.80
CA ASN A 664 -10.42 -23.88 -7.44
C ASN A 664 -11.00 -25.26 -7.77
N THR A 665 -10.80 -25.78 -8.99
CA THR A 665 -11.22 -27.15 -9.31
C THR A 665 -10.47 -28.12 -8.39
N GLU A 666 -9.12 -28.06 -8.39
CA GLU A 666 -8.34 -28.87 -7.47
C GLU A 666 -8.72 -28.52 -6.03
N PHE A 667 -8.71 -27.21 -5.72
CA PHE A 667 -9.16 -26.75 -4.42
C PHE A 667 -10.49 -27.40 -4.07
N LEU A 668 -11.41 -27.53 -5.03
CA LEU A 668 -12.65 -28.22 -4.76
C LEU A 668 -12.38 -29.67 -4.37
N LEU A 669 -11.52 -30.35 -5.11
CA LEU A 669 -11.21 -31.75 -4.80
C LEU A 669 -10.61 -31.86 -3.38
N ASN A 670 -9.62 -31.01 -3.07
CA ASN A 670 -9.00 -31.01 -1.75
C ASN A 670 -9.99 -30.71 -0.63
N PHE A 671 -10.83 -29.69 -0.85
CA PHE A 671 -11.80 -29.25 0.15
C PHE A 671 -12.76 -30.40 0.44
N ASN A 672 -13.29 -31.04 -0.62
CA ASN A 672 -14.31 -32.05 -0.43
C ASN A 672 -13.68 -33.32 0.15
N GLU A 673 -12.42 -33.63 -0.20
CA GLU A 673 -11.77 -34.81 0.35
C GLU A 673 -11.39 -34.61 1.82
N PHE A 674 -11.11 -33.37 2.23
CA PHE A 674 -10.87 -33.09 3.65
C PHE A 674 -12.17 -33.11 4.44
N ILE A 675 -13.23 -32.50 3.89
CA ILE A 675 -14.50 -32.45 4.59
C ILE A 675 -15.11 -33.84 4.70
N ASP A 676 -14.95 -34.67 3.65
CA ASP A 676 -15.51 -36.01 3.64
C ASP A 676 -14.94 -36.86 4.78
N ARG A 677 -13.61 -36.78 4.98
CA ARG A 677 -12.93 -37.54 6.02
C ARG A 677 -12.08 -36.61 6.89
N THR A 687 -13.85 -39.94 11.53
CA THR A 687 -14.82 -38.99 12.10
C THR A 687 -14.63 -37.61 11.48
N PRO A 688 -15.72 -36.89 11.13
CA PRO A 688 -15.60 -35.52 10.61
C PRO A 688 -15.27 -34.42 11.63
N ASN A 689 -14.81 -34.81 12.83
CA ASN A 689 -14.51 -33.88 13.91
C ASN A 689 -13.44 -32.86 13.48
N ASN A 690 -12.38 -33.32 12.81
CA ASN A 690 -11.27 -32.45 12.44
C ASN A 690 -10.70 -31.78 13.69
N PRO A 691 -9.98 -32.52 14.55
CA PRO A 691 -9.53 -32.00 15.84
C PRO A 691 -8.64 -30.76 15.79
N SER A 692 -7.97 -30.50 14.64
CA SER A 692 -7.05 -29.37 14.53
C SER A 692 -7.49 -28.43 13.42
N CYS A 693 -8.78 -28.07 13.39
CA CYS A 693 -9.34 -27.35 12.25
C CYS A 693 -10.32 -26.29 12.73
N ASN A 694 -10.52 -25.27 11.87
CA ASN A 694 -11.38 -24.14 12.17
C ASN A 694 -12.83 -24.59 12.28
N ALA A 695 -13.64 -23.74 12.94
CA ALA A 695 -14.99 -24.09 13.34
C ALA A 695 -16.04 -23.21 12.67
N ASP A 696 -15.95 -21.88 12.86
CA ASP A 696 -17.03 -20.99 12.43
C ASP A 696 -16.99 -20.77 10.93
N LEU A 697 -15.79 -20.68 10.36
CA LEU A 697 -15.60 -20.45 8.93
C LEU A 697 -16.19 -21.57 8.07
N ILE A 698 -15.84 -22.82 8.39
CA ILE A 698 -16.35 -23.99 7.69
C ILE A 698 -17.85 -24.15 7.91
N ASN A 699 -18.33 -23.86 9.14
CA ASN A 699 -19.75 -23.93 9.42
C ASN A 699 -20.53 -22.98 8.52
N ARG A 700 -20.05 -21.74 8.42
CA ARG A 700 -20.73 -20.72 7.63
C ARG A 700 -20.70 -21.13 6.16
N VAL A 701 -19.54 -21.63 5.67
CA VAL A 701 -19.41 -21.96 4.27
C VAL A 701 -20.36 -23.11 3.92
N LEU A 702 -20.51 -24.09 4.83
CA LEU A 702 -21.45 -25.19 4.60
C LEU A 702 -22.89 -24.67 4.52
N LEU A 703 -23.27 -23.80 5.48
CA LEU A 703 -24.62 -23.26 5.47
C LEU A 703 -24.93 -22.45 4.19
N ASP A 704 -23.93 -21.68 3.76
CA ASP A 704 -24.08 -20.84 2.59
C ASP A 704 -24.17 -21.67 1.30
N ALA A 705 -23.38 -22.75 1.21
CA ALA A 705 -23.49 -23.71 0.10
C ALA A 705 -24.87 -24.37 0.06
N GLY A 706 -25.39 -24.69 1.25
CA GLY A 706 -26.75 -25.17 1.37
C GLY A 706 -27.77 -24.20 0.77
N PHE A 707 -27.60 -22.91 1.11
CA PHE A 707 -28.50 -21.88 0.59
C PHE A 707 -28.43 -21.76 -0.92
N THR A 708 -27.22 -21.75 -1.47
CA THR A 708 -27.07 -21.64 -2.92
C THR A 708 -27.69 -22.84 -3.64
N ASN A 709 -27.45 -24.04 -3.10
CA ASN A 709 -28.03 -25.24 -3.67
C ASN A 709 -29.56 -25.20 -3.60
N GLU A 710 -30.12 -24.73 -2.47
CA GLU A 710 -31.55 -24.62 -2.31
C GLU A 710 -32.13 -23.71 -3.38
N LEU A 711 -31.47 -22.58 -3.61
CA LEU A 711 -31.97 -21.63 -4.59
C LEU A 711 -31.96 -22.26 -5.97
N VAL A 712 -30.85 -22.90 -6.34
CA VAL A 712 -30.74 -23.49 -7.67
C VAL A 712 -31.78 -24.59 -7.85
N GLN A 713 -31.95 -25.46 -6.84
CA GLN A 713 -32.89 -26.57 -6.94
C GLN A 713 -34.32 -26.06 -7.07
N ASN A 714 -34.68 -25.04 -6.27
CA ASN A 714 -36.06 -24.60 -6.22
C ASN A 714 -36.44 -23.76 -7.44
N TYR A 715 -35.66 -22.71 -7.73
CA TYR A 715 -36.08 -21.71 -8.70
C TYR A 715 -35.41 -21.90 -10.06
N TRP A 716 -34.07 -21.89 -10.12
CA TRP A 716 -33.35 -21.89 -11.40
C TRP A 716 -33.58 -23.16 -12.23
N SER A 717 -33.96 -24.27 -11.58
CA SER A 717 -34.21 -25.51 -12.29
C SER A 717 -35.48 -25.44 -13.13
N LYS A 718 -36.48 -24.65 -12.68
CA LYS A 718 -37.78 -24.61 -13.33
C LYS A 718 -37.66 -24.01 -14.73
N GLN A 719 -36.85 -22.94 -14.88
CA GLN A 719 -36.65 -22.33 -16.18
C GLN A 719 -35.21 -22.61 -16.60
N LYS A 720 -35.03 -23.70 -17.36
CA LYS A 720 -33.72 -24.18 -17.77
C LYS A 720 -33.05 -23.21 -18.74
N ASN A 721 -33.84 -22.63 -19.65
CA ASN A 721 -33.30 -21.81 -20.71
C ASN A 721 -34.25 -20.65 -20.98
N ILE A 722 -33.69 -19.44 -20.90
CA ILE A 722 -34.42 -18.19 -21.16
C ILE A 722 -33.67 -17.50 -22.29
N LYS A 723 -34.45 -16.91 -23.21
CA LYS A 723 -33.92 -16.41 -24.47
C LYS A 723 -32.99 -15.23 -24.18
N GLY A 724 -33.43 -14.34 -23.29
CA GLY A 724 -32.71 -13.13 -22.94
C GLY A 724 -31.65 -13.32 -21.85
N VAL A 725 -31.77 -14.38 -21.04
CA VAL A 725 -30.89 -14.61 -19.90
C VAL A 725 -29.86 -15.65 -20.29
N LYS A 726 -28.61 -15.22 -20.45
CA LYS A 726 -27.57 -16.12 -20.92
C LYS A 726 -27.08 -17.02 -19.79
N ALA A 727 -27.03 -16.47 -18.57
CA ALA A 727 -26.55 -17.22 -17.41
C ALA A 727 -27.19 -16.63 -16.15
N ARG A 728 -27.06 -17.32 -15.02
CA ARG A 728 -27.40 -16.76 -13.73
C ARG A 728 -26.27 -17.09 -12.74
N PHE A 729 -26.19 -16.29 -11.67
CA PHE A 729 -25.22 -16.56 -10.63
C PHE A 729 -25.60 -15.89 -9.32
N VAL A 730 -25.08 -16.49 -8.22
CA VAL A 730 -25.19 -15.96 -6.88
C VAL A 730 -23.89 -16.18 -6.12
N VAL A 731 -23.21 -15.07 -5.77
CA VAL A 731 -22.03 -15.07 -4.90
C VAL A 731 -22.44 -14.57 -3.53
N THR A 732 -21.82 -15.11 -2.49
CA THR A 732 -22.34 -15.01 -1.14
C THR A 732 -21.21 -14.82 -0.14
N ASP A 733 -21.58 -14.60 1.12
CA ASP A 733 -20.63 -14.55 2.21
C ASP A 733 -20.30 -15.99 2.65
N GLY A 734 -19.04 -16.41 2.47
CA GLY A 734 -18.69 -17.80 2.66
C GLY A 734 -17.90 -18.31 1.47
N GLY A 735 -18.24 -17.84 0.27
CA GLY A 735 -17.46 -18.18 -0.92
C GLY A 735 -18.02 -19.38 -1.69
N ILE A 736 -19.31 -19.33 -2.03
CA ILE A 736 -19.93 -20.31 -2.90
C ILE A 736 -20.58 -19.57 -4.05
N THR A 737 -20.32 -20.04 -5.28
CA THR A 737 -20.88 -19.45 -6.48
C THR A 737 -21.57 -20.53 -7.29
N ARG A 738 -22.65 -20.17 -8.00
CA ARG A 738 -23.49 -21.11 -8.71
C ARG A 738 -23.91 -20.54 -10.06
N VAL A 739 -23.35 -21.06 -11.16
CA VAL A 739 -23.76 -20.70 -12.51
C VAL A 739 -24.53 -21.86 -13.12
N TYR A 740 -25.82 -21.63 -13.45
CA TYR A 740 -26.74 -22.76 -13.68
C TYR A 740 -26.29 -23.64 -14.85
N PRO A 741 -26.12 -23.13 -16.08
CA PRO A 741 -25.77 -24.02 -17.19
C PRO A 741 -24.28 -24.37 -17.17
N LYS A 742 -23.95 -25.54 -17.72
CA LYS A 742 -22.57 -25.99 -17.84
C LYS A 742 -21.72 -25.07 -18.72
N GLU A 743 -22.27 -24.61 -19.85
CA GLU A 743 -21.50 -23.82 -20.81
C GLU A 743 -21.09 -22.47 -20.20
N ALA A 744 -21.93 -21.90 -19.32
CA ALA A 744 -21.62 -20.62 -18.71
C ALA A 744 -20.52 -20.73 -17.65
N GLY A 745 -20.14 -21.95 -17.25
CA GLY A 745 -19.07 -22.12 -16.27
C GLY A 745 -17.73 -21.58 -16.75
N GLU A 746 -17.36 -21.89 -17.98
CA GLU A 746 -16.10 -21.43 -18.54
C GLU A 746 -16.13 -19.94 -18.87
N ASN A 747 -17.32 -19.32 -18.94
CA ASN A 747 -17.42 -17.88 -19.12
C ASN A 747 -17.18 -17.10 -17.83
N TRP A 748 -17.10 -17.79 -16.69
CA TRP A 748 -16.86 -17.16 -15.40
C TRP A 748 -15.40 -16.76 -15.29
N GLN A 749 -15.13 -15.49 -15.01
CA GLN A 749 -13.78 -14.95 -15.08
C GLN A 749 -13.29 -14.33 -13.77
N GLU A 750 -14.16 -14.21 -12.77
CA GLU A 750 -13.89 -13.36 -11.63
C GLU A 750 -13.33 -14.19 -10.48
N ASN A 751 -12.87 -13.46 -9.44
CA ASN A 751 -12.18 -14.05 -8.32
C ASN A 751 -13.15 -14.94 -7.54
N PRO A 752 -12.81 -16.22 -7.29
CA PRO A 752 -13.62 -17.06 -6.41
C PRO A 752 -13.78 -16.53 -4.99
N GLU A 753 -12.83 -15.73 -4.50
CA GLU A 753 -12.97 -15.11 -3.20
C GLU A 753 -14.03 -14.01 -3.28
N THR A 754 -15.13 -14.20 -2.54
CA THR A 754 -16.26 -13.29 -2.63
C THR A 754 -15.97 -11.95 -1.95
N TYR A 755 -14.93 -11.86 -1.14
CA TYR A 755 -14.50 -10.59 -0.56
C TYR A 755 -13.66 -9.76 -1.52
N GLU A 756 -13.31 -10.28 -2.70
CA GLU A 756 -12.43 -9.58 -3.62
C GLU A 756 -13.11 -9.07 -4.88
N ASP A 757 -14.21 -9.69 -5.31
CA ASP A 757 -14.90 -9.23 -6.51
C ASP A 757 -15.60 -7.89 -6.24
N SER A 758 -15.53 -6.98 -7.23
CA SER A 758 -15.95 -5.60 -7.01
C SER A 758 -17.47 -5.50 -6.86
N PHE A 759 -18.17 -6.25 -7.73
CA PHE A 759 -19.61 -6.06 -7.86
C PHE A 759 -20.33 -6.45 -6.57
N TYR A 760 -19.75 -7.40 -5.81
CA TYR A 760 -20.28 -7.83 -4.52
C TYR A 760 -20.46 -6.61 -3.63
N LYS A 761 -19.38 -5.85 -3.48
CA LYS A 761 -19.40 -4.69 -2.60
C LYS A 761 -20.26 -3.57 -3.18
N ARG A 762 -20.12 -3.37 -4.49
CA ARG A 762 -20.83 -2.28 -5.16
C ARG A 762 -22.34 -2.44 -4.95
N SER A 763 -22.84 -3.67 -5.13
CA SER A 763 -24.27 -3.94 -4.97
C SER A 763 -24.73 -3.80 -3.51
N LEU A 764 -23.88 -4.17 -2.56
CA LEU A 764 -24.22 -4.03 -1.15
C LEU A 764 -24.40 -2.56 -0.79
N ASP A 765 -23.57 -1.69 -1.39
CA ASP A 765 -23.62 -0.28 -1.03
C ASP A 765 -24.74 0.45 -1.77
N ASN A 766 -24.97 0.11 -3.04
CA ASN A 766 -26.03 0.72 -3.82
C ASN A 766 -27.36 0.05 -3.48
N ASP A 767 -28.38 0.84 -3.16
CA ASP A 767 -29.71 0.32 -2.83
C ASP A 767 -30.56 0.03 -4.08
N ASN A 768 -29.95 0.10 -5.27
CA ASN A 768 -30.63 -0.10 -6.54
C ASN A 768 -29.99 -1.29 -7.26
N TYR A 769 -30.45 -1.55 -8.48
CA TYR A 769 -29.81 -2.55 -9.32
C TYR A 769 -28.52 -1.99 -9.90
N VAL A 770 -27.52 -2.86 -9.99
CA VAL A 770 -26.22 -2.42 -10.43
C VAL A 770 -25.84 -3.21 -11.67
N PHE A 771 -25.62 -2.51 -12.77
CA PHE A 771 -25.25 -3.12 -14.03
C PHE A 771 -23.76 -2.95 -14.21
N THR A 772 -23.01 -4.01 -14.04
CA THR A 772 -21.58 -3.98 -14.27
C THR A 772 -21.30 -4.13 -15.75
N ALA A 773 -20.62 -3.16 -16.33
CA ALA A 773 -20.26 -3.23 -17.74
C ALA A 773 -19.13 -4.24 -17.93
N PRO A 774 -19.12 -4.96 -19.06
CA PRO A 774 -17.97 -5.80 -19.40
C PRO A 774 -16.76 -4.96 -19.80
N TYR A 775 -15.59 -5.59 -19.71
CA TYR A 775 -14.36 -4.94 -20.11
C TYR A 775 -14.30 -4.86 -21.64
N PHE A 776 -13.56 -3.87 -22.13
CA PHE A 776 -13.45 -3.59 -23.56
C PHE A 776 -12.03 -3.90 -24.03
N ASN A 777 -11.91 -4.53 -25.21
CA ASN A 777 -10.62 -4.89 -25.80
C ASN A 777 -9.81 -5.75 -24.85
N LYS A 778 -10.49 -6.67 -24.14
CA LYS A 778 -9.84 -7.53 -23.16
C LYS A 778 -9.33 -8.78 -23.87
N SER A 779 -8.21 -9.31 -23.36
CA SER A 779 -7.65 -10.55 -23.91
C SER A 779 -8.65 -11.69 -23.82
N GLY A 780 -8.87 -12.39 -24.94
CA GLY A 780 -9.85 -13.45 -25.02
C GLY A 780 -11.27 -12.91 -25.20
N PRO A 781 -12.16 -13.59 -25.96
CA PRO A 781 -13.53 -13.12 -26.14
C PRO A 781 -14.32 -13.20 -24.82
N GLY A 782 -14.82 -12.05 -24.37
CA GLY A 782 -15.63 -12.00 -23.16
C GLY A 782 -16.81 -11.03 -23.22
N ALA A 783 -17.29 -10.68 -24.41
CA ALA A 783 -18.33 -9.65 -24.57
C ALA A 783 -19.59 -10.24 -25.19
N TYR A 784 -19.46 -10.87 -26.37
CA TYR A 784 -20.62 -11.36 -27.10
C TYR A 784 -21.24 -12.56 -26.39
N GLU A 785 -20.42 -13.55 -26.03
CA GLU A 785 -20.95 -14.78 -25.44
C GLU A 785 -21.03 -14.73 -23.92
N SER A 786 -20.51 -13.69 -23.27
CA SER A 786 -20.55 -13.56 -21.81
C SER A 786 -21.79 -12.81 -21.33
N GLY A 787 -22.12 -11.70 -22.01
CA GLY A 787 -23.33 -10.95 -21.73
C GLY A 787 -23.09 -9.74 -20.84
N ILE A 788 -24.18 -9.27 -20.22
CA ILE A 788 -24.17 -8.09 -19.36
C ILE A 788 -24.48 -8.53 -17.93
N MET A 789 -23.60 -8.13 -17.00
CA MET A 789 -23.70 -8.53 -15.60
C MET A 789 -24.66 -7.58 -14.88
N VAL A 790 -25.64 -8.14 -14.17
CA VAL A 790 -26.58 -7.37 -13.37
C VAL A 790 -26.59 -7.95 -11.97
N SER A 791 -26.79 -7.11 -10.97
CA SER A 791 -26.70 -7.54 -9.58
C SER A 791 -27.66 -6.75 -8.73
N LYS A 792 -27.96 -7.31 -7.56
CA LYS A 792 -28.80 -6.64 -6.58
C LYS A 792 -28.60 -7.33 -5.24
N ALA A 793 -28.06 -6.61 -4.28
CA ALA A 793 -27.71 -7.18 -2.98
C ALA A 793 -28.97 -7.61 -2.23
N VAL A 794 -28.81 -8.65 -1.43
CA VAL A 794 -29.92 -9.20 -0.65
C VAL A 794 -29.85 -8.57 0.73
N GLU A 795 -30.95 -7.94 1.15
CA GLU A 795 -31.02 -7.28 2.45
C GLU A 795 -32.08 -7.98 3.29
N ILE A 796 -31.76 -8.24 4.55
CA ILE A 796 -32.65 -9.00 5.43
C ILE A 796 -32.92 -8.19 6.70
N TYR A 797 -34.07 -8.48 7.32
CA TYR A 797 -34.50 -7.84 8.54
C TYR A 797 -34.96 -8.92 9.49
N ILE A 798 -34.11 -9.27 10.47
CA ILE A 798 -34.40 -10.41 11.35
C ILE A 798 -35.43 -9.97 12.38
N GLN A 799 -35.08 -8.97 13.19
CA GLN A 799 -35.97 -8.33 14.15
C GLN A 799 -35.88 -6.81 13.99
N GLY A 800 -36.09 -6.35 12.75
CA GLY A 800 -35.99 -4.94 12.39
C GLY A 800 -34.54 -4.43 12.27
N LYS A 801 -33.56 -5.34 12.25
CA LYS A 801 -32.15 -4.99 12.25
C LYS A 801 -31.53 -5.47 10.94
N LEU A 802 -30.63 -4.68 10.36
CA LEU A 802 -30.28 -4.86 8.95
C LEU A 802 -29.08 -5.80 8.84
N LEU A 803 -29.03 -6.54 7.72
CA LEU A 803 -27.85 -7.32 7.33
C LEU A 803 -27.89 -7.57 5.83
N LYS A 804 -26.69 -7.62 5.21
CA LYS A 804 -26.56 -7.76 3.77
C LYS A 804 -25.74 -9.01 3.43
N PRO A 805 -26.37 -10.21 3.51
CA PRO A 805 -25.65 -11.46 3.30
C PRO A 805 -25.11 -11.73 1.91
N ALA A 806 -25.99 -11.63 0.90
CA ALA A 806 -25.65 -12.14 -0.44
C ALA A 806 -26.03 -11.13 -1.53
N VAL A 807 -25.51 -11.38 -2.73
CA VAL A 807 -25.94 -10.71 -3.94
C VAL A 807 -26.16 -11.76 -5.04
N VAL A 808 -27.04 -11.43 -5.97
CA VAL A 808 -27.44 -12.30 -7.06
C VAL A 808 -26.95 -11.71 -8.37
N GLY A 809 -27.26 -12.40 -9.47
CA GLY A 809 -26.69 -11.96 -10.72
C GLY A 809 -27.34 -12.61 -11.92
N ILE A 810 -27.10 -12.03 -13.09
CA ILE A 810 -27.61 -12.50 -14.36
C ILE A 810 -26.63 -12.11 -15.46
N LYS A 811 -26.54 -12.93 -16.49
CA LYS A 811 -25.90 -12.57 -17.74
C LYS A 811 -26.97 -12.40 -18.82
N ILE A 812 -26.99 -11.22 -19.44
CA ILE A 812 -27.99 -10.87 -20.45
C ILE A 812 -27.34 -10.98 -21.82
N ASP A 813 -27.94 -11.80 -22.69
CA ASP A 813 -27.44 -11.93 -24.05
C ASP A 813 -27.57 -10.58 -24.76
N VAL A 814 -26.51 -10.19 -25.46
CA VAL A 814 -26.47 -8.90 -26.12
C VAL A 814 -27.45 -8.89 -27.29
N ASN A 815 -27.62 -10.02 -27.98
CA ASN A 815 -28.54 -10.11 -29.11
C ASN A 815 -29.98 -9.82 -28.70
N SER A 816 -30.42 -10.39 -27.57
CA SER A 816 -31.77 -10.17 -27.08
C SER A 816 -31.99 -8.70 -26.78
N TRP A 817 -31.01 -8.08 -26.10
CA TRP A 817 -31.13 -6.69 -25.71
C TRP A 817 -31.18 -5.79 -26.95
N ILE A 818 -30.34 -6.09 -27.96
CA ILE A 818 -30.32 -5.38 -29.22
C ILE A 818 -31.68 -5.47 -29.89
N GLU A 819 -32.22 -6.69 -30.00
CA GLU A 819 -33.49 -6.88 -30.68
C GLU A 819 -34.64 -6.19 -29.95
N ASN A 820 -34.61 -6.15 -28.61
CA ASN A 820 -35.65 -5.48 -27.84
C ASN A 820 -35.43 -3.97 -27.80
N PHE A 821 -34.23 -3.48 -28.15
CA PHE A 821 -33.93 -2.05 -28.21
C PHE A 821 -34.37 -1.40 -29.53
N THR A 822 -34.78 -2.21 -30.51
CA THR A 822 -35.24 -1.72 -31.79
C THR A 822 -36.75 -1.59 -31.86
N LYS A 823 -37.45 -1.77 -30.74
CA LYS A 823 -38.91 -1.62 -30.69
C LYS A 823 -39.32 -0.24 -31.24
N ASP A 836 -39.10 3.09 -32.00
CA ASP A 836 -38.62 4.19 -31.11
C ASP A 836 -37.26 4.72 -31.58
N CYS A 837 -36.25 3.83 -31.58
CA CYS A 837 -34.87 4.21 -31.91
C CYS A 837 -34.34 3.28 -33.00
N LYS A 838 -35.08 3.18 -34.11
CA LYS A 838 -34.72 2.21 -35.14
C LYS A 838 -33.33 2.51 -35.72
N ARG A 839 -32.68 1.46 -36.25
CA ARG A 839 -31.29 1.48 -36.64
C ARG A 839 -31.16 1.44 -38.17
N ASN A 840 -29.91 1.29 -38.64
CA ASN A 840 -29.52 1.32 -40.05
C ASN A 840 -29.64 2.72 -40.65
N SER A 841 -29.74 3.76 -39.80
CA SER A 841 -29.81 5.14 -40.24
C SER A 841 -29.06 6.01 -39.23
N ASP A 842 -28.51 7.12 -39.71
CA ASP A 842 -27.74 8.05 -38.90
C ASP A 842 -28.52 9.37 -38.85
N VAL A 843 -29.48 9.41 -37.94
CA VAL A 843 -30.29 10.62 -37.71
C VAL A 843 -30.22 11.01 -36.25
N MET A 844 -30.41 10.04 -35.35
CA MET A 844 -30.44 10.30 -33.91
C MET A 844 -29.70 9.19 -33.19
N ASP A 845 -29.17 9.50 -32.00
CA ASP A 845 -28.43 8.55 -31.18
C ASP A 845 -29.25 8.17 -29.94
N CYS A 846 -29.24 6.87 -29.62
CA CYS A 846 -29.90 6.34 -28.44
C CYS A 846 -28.94 5.39 -27.76
N VAL A 847 -28.39 5.81 -26.61
CA VAL A 847 -27.44 5.02 -25.86
C VAL A 847 -27.87 4.98 -24.39
N ILE A 848 -27.55 3.88 -23.72
CA ILE A 848 -27.86 3.69 -22.30
C ILE A 848 -26.54 3.52 -21.57
N LEU A 849 -26.30 4.39 -20.58
CA LEU A 849 -25.08 4.38 -19.80
C LEU A 849 -25.41 4.09 -18.33
N ASP A 850 -24.37 3.72 -17.57
CA ASP A 850 -24.47 3.58 -16.12
C ASP A 850 -23.56 4.60 -15.41
N ASP A 851 -23.50 4.50 -14.08
CA ASP A 851 -22.57 5.25 -13.26
C ASP A 851 -21.14 4.96 -13.68
N GLY A 852 -20.45 5.99 -14.15
CA GLY A 852 -19.11 5.82 -14.66
C GLY A 852 -19.03 6.00 -16.18
N GLY A 853 -20.17 6.18 -16.85
CA GLY A 853 -20.18 6.50 -18.26
C GLY A 853 -19.68 5.34 -19.12
N PHE A 854 -20.17 4.12 -18.84
CA PHE A 854 -19.80 2.95 -19.61
C PHE A 854 -20.95 2.61 -20.56
N LEU A 855 -20.62 2.36 -21.83
CA LEU A 855 -21.65 2.01 -22.80
C LEU A 855 -22.19 0.61 -22.55
N LEU A 856 -23.52 0.49 -22.53
CA LEU A 856 -24.19 -0.79 -22.35
C LEU A 856 -25.05 -1.15 -23.56
N MET A 857 -25.82 -0.18 -24.10
CA MET A 857 -26.68 -0.41 -25.22
C MET A 857 -26.61 0.76 -26.20
N ALA A 858 -26.66 0.43 -27.49
CA ALA A 858 -26.61 1.41 -28.56
C ALA A 858 -27.32 0.85 -29.78
N ASN A 859 -27.74 1.75 -30.68
CA ASN A 859 -28.55 1.40 -31.84
C ASN A 859 -27.73 1.44 -33.13
N HIS A 860 -26.58 2.12 -33.16
CA HIS A 860 -25.84 2.34 -34.40
C HIS A 860 -25.29 1.05 -35.01
N ASP A 861 -25.28 -0.07 -34.27
CA ASP A 861 -24.89 -1.38 -34.77
C ASP A 861 -23.38 -1.48 -35.00
N ASP A 862 -22.65 -0.37 -34.86
CA ASP A 862 -21.20 -0.37 -34.75
C ASP A 862 -20.74 0.01 -33.35
N TYR A 863 -21.56 0.74 -32.56
CA TYR A 863 -21.27 0.95 -31.15
C TYR A 863 -21.56 -0.29 -30.33
N THR A 864 -22.51 -1.12 -30.75
CA THR A 864 -22.86 -2.32 -30.03
C THR A 864 -21.77 -3.40 -30.08
N ASN A 865 -20.91 -3.37 -31.09
CA ASN A 865 -19.73 -4.22 -31.11
C ASN A 865 -18.76 -3.82 -30.00
N GLN A 866 -18.60 -2.51 -29.78
CA GLN A 866 -17.70 -1.97 -28.76
C GLN A 866 -18.44 -1.70 -27.44
N ILE A 867 -19.29 -2.62 -26.98
CA ILE A 867 -19.98 -2.43 -25.71
C ILE A 867 -18.98 -2.69 -24.58
N GLY A 868 -18.97 -1.78 -23.60
CA GLY A 868 -18.21 -1.98 -22.39
C GLY A 868 -17.16 -0.92 -22.15
N ARG A 869 -16.94 -0.02 -23.11
CA ARG A 869 -15.91 0.99 -22.98
C ARG A 869 -16.48 2.25 -22.33
N PHE A 870 -15.59 3.13 -21.90
CA PHE A 870 -16.00 4.42 -21.36
C PHE A 870 -16.66 5.25 -22.45
N PHE A 871 -17.85 5.79 -22.19
CA PHE A 871 -18.62 6.48 -23.22
C PHE A 871 -17.93 7.76 -23.68
N GLY A 872 -17.10 8.38 -22.82
CA GLY A 872 -16.32 9.52 -23.25
C GLY A 872 -15.29 9.19 -24.35
N GLU A 873 -14.90 7.90 -24.49
CA GLU A 873 -13.97 7.51 -25.52
C GLU A 873 -14.61 7.43 -26.91
N ILE A 874 -15.95 7.51 -26.99
CA ILE A 874 -16.63 7.54 -28.28
C ILE A 874 -17.38 8.86 -28.52
N ASP A 875 -18.04 9.40 -27.49
CA ASP A 875 -18.75 10.66 -27.60
C ASP A 875 -18.36 11.55 -26.42
N PRO A 876 -17.17 12.19 -26.48
CA PRO A 876 -16.68 12.95 -25.33
C PRO A 876 -17.41 14.28 -25.09
N SER A 877 -17.94 14.90 -26.16
CA SER A 877 -18.62 16.18 -26.05
C SER A 877 -19.86 16.05 -25.17
N LEU A 878 -20.64 14.98 -25.37
CA LEU A 878 -21.85 14.75 -24.61
C LEU A 878 -21.51 14.55 -23.14
N MET A 879 -20.48 13.74 -22.87
CA MET A 879 -20.08 13.49 -21.48
C MET A 879 -19.58 14.77 -20.81
N ARG A 880 -18.82 15.59 -21.52
CA ARG A 880 -18.34 16.84 -20.96
C ARG A 880 -19.49 17.79 -20.66
N HIS A 881 -20.46 17.92 -21.57
CA HIS A 881 -21.62 18.77 -21.31
C HIS A 881 -22.45 18.23 -20.14
N LEU A 882 -22.53 16.90 -20.03
CA LEU A 882 -23.19 16.27 -18.89
C LEU A 882 -22.49 16.62 -17.58
N VAL A 883 -21.16 16.63 -17.59
CA VAL A 883 -20.40 17.02 -16.41
C VAL A 883 -20.66 18.49 -16.06
N ASN A 884 -20.63 19.36 -17.07
CA ASN A 884 -20.85 20.79 -16.84
C ASN A 884 -22.24 21.06 -16.27
N ILE A 885 -23.27 20.37 -16.80
CA ILE A 885 -24.63 20.54 -16.31
C ILE A 885 -24.83 19.81 -14.97
N SER A 886 -23.77 19.17 -14.43
CA SER A 886 -23.74 18.64 -13.08
C SER A 886 -24.66 17.42 -12.95
N VAL A 887 -24.61 16.50 -13.91
CA VAL A 887 -25.21 15.18 -13.72
C VAL A 887 -24.15 14.13 -13.39
N TYR A 888 -22.91 14.35 -13.80
CA TYR A 888 -21.79 13.47 -13.49
C TYR A 888 -20.74 14.27 -12.72
N ALA A 889 -20.61 14.02 -11.41
CA ALA A 889 -19.57 14.59 -10.57
C ALA A 889 -18.42 13.61 -10.42
N PHE A 890 -17.18 14.04 -10.67
CA PHE A 890 -16.04 13.15 -10.52
C PHE A 890 -15.02 13.79 -9.57
N ASN A 891 -14.39 12.94 -8.76
CA ASN A 891 -13.19 13.33 -8.06
C ASN A 891 -12.13 12.23 -8.22
N LYS A 892 -10.89 12.69 -8.31
CA LYS A 892 -9.77 11.87 -8.74
C LYS A 892 -8.99 11.42 -7.50
N SER A 893 -8.66 10.12 -7.49
CA SER A 893 -7.71 9.57 -6.54
C SER A 893 -6.35 9.41 -7.22
N TYR A 894 -5.31 9.32 -6.37
CA TYR A 894 -3.93 9.20 -6.82
C TYR A 894 -3.34 7.95 -6.16
N ASP A 895 -3.26 6.85 -6.92
CA ASP A 895 -2.70 5.60 -6.44
C ASP A 895 -1.24 5.51 -6.88
N TYR A 896 -0.34 5.30 -5.92
CA TYR A 896 1.10 5.37 -6.16
C TYR A 896 1.70 4.02 -6.55
N GLN A 897 0.89 2.97 -6.68
CA GLN A 897 1.37 1.65 -7.08
C GLN A 897 1.01 1.43 -8.54
N SER A 898 2.04 1.33 -9.40
CA SER A 898 1.82 1.12 -10.83
C SER A 898 3.06 0.49 -11.45
N VAL A 899 2.86 -0.11 -12.63
CA VAL A 899 3.93 -0.63 -13.44
C VAL A 899 4.21 0.36 -14.56
N CYS A 900 5.40 0.98 -14.51
CA CYS A 900 5.78 1.93 -15.54
C CYS A 900 7.30 1.94 -15.71
N GLU A 901 7.75 2.46 -16.85
CA GLU A 901 9.16 2.50 -17.21
C GLU A 901 9.69 3.93 -17.09
N SER A 969 8.05 4.47 -10.13
CA SER A 969 6.95 4.72 -9.15
C SER A 969 6.08 5.88 -9.62
N CYS A 970 5.44 5.69 -10.78
CA CYS A 970 4.56 6.69 -11.37
C CYS A 970 3.30 6.85 -10.54
N ILE A 971 2.67 8.02 -10.68
CA ILE A 971 1.39 8.30 -10.06
C ILE A 971 0.27 8.04 -11.08
N THR A 972 -0.76 7.30 -10.64
CA THR A 972 -1.90 7.01 -11.48
C THR A 972 -3.06 7.94 -11.11
N GLU A 973 -3.63 8.60 -12.12
CA GLU A 973 -4.81 9.42 -11.95
C GLU A 973 -6.04 8.52 -12.10
N GLN A 974 -6.78 8.35 -11.00
CA GLN A 974 -7.91 7.44 -10.95
C GLN A 974 -9.20 8.26 -11.02
N THR A 975 -9.76 8.38 -12.23
CA THR A 975 -11.00 9.11 -12.45
C THR A 975 -12.16 8.14 -12.43
N GLN A 976 -13.19 8.47 -11.64
CA GLN A 976 -14.41 7.70 -11.59
C GLN A 976 -15.59 8.64 -11.43
N TYR A 977 -16.70 8.36 -12.13
CA TYR A 977 -17.85 9.24 -12.15
C TYR A 977 -19.02 8.62 -11.42
N PHE A 978 -19.91 9.53 -10.96
CA PHE A 978 -21.12 9.08 -10.29
C PHE A 978 -22.17 10.17 -10.35
N PHE A 979 -23.42 9.81 -10.07
CA PHE A 979 -24.49 10.78 -10.01
C PHE A 979 -24.43 11.54 -8.70
N ASP A 980 -24.47 12.88 -8.79
CA ASP A 980 -24.51 13.74 -7.62
C ASP A 980 -25.89 14.34 -7.40
N ASN A 981 -26.46 14.95 -8.46
CA ASN A 981 -27.74 15.62 -8.37
C ASN A 981 -28.81 14.55 -8.50
N ASP A 982 -29.66 14.41 -7.47
CA ASP A 982 -30.73 13.43 -7.50
C ASP A 982 -31.93 14.01 -8.24
N SER A 983 -31.75 14.23 -9.54
CA SER A 983 -32.78 14.75 -10.44
C SER A 983 -32.95 13.73 -11.55
N LYS A 984 -34.15 13.16 -11.69
CA LYS A 984 -34.37 12.08 -12.64
C LYS A 984 -34.40 12.58 -14.07
N SER A 985 -34.83 13.84 -14.26
CA SER A 985 -34.99 14.42 -15.60
C SER A 985 -33.90 15.45 -15.86
N PHE A 986 -33.39 15.46 -17.10
CA PHE A 986 -32.37 16.41 -17.53
C PHE A 986 -32.55 16.74 -19.00
N SER A 987 -32.48 18.04 -19.32
CA SER A 987 -32.67 18.52 -20.68
C SER A 987 -31.74 19.70 -20.93
N GLY A 988 -31.53 19.97 -22.22
CA GLY A 988 -30.70 21.09 -22.61
C GLY A 988 -30.30 20.99 -24.07
N VAL A 989 -29.45 21.93 -24.48
CA VAL A 989 -28.98 22.01 -25.85
C VAL A 989 -27.46 21.91 -25.82
N LEU A 990 -26.92 21.00 -26.62
CA LEU A 990 -25.49 20.81 -26.76
C LEU A 990 -25.05 21.47 -28.06
N ASP A 991 -24.49 22.67 -27.94
CA ASP A 991 -24.09 23.48 -29.07
C ASP A 991 -22.58 23.67 -29.07
N CYS A 992 -21.95 23.41 -30.23
CA CYS A 992 -20.53 23.63 -30.42
C CYS A 992 -20.27 24.90 -31.26
N GLY A 993 -21.32 25.68 -31.54
CA GLY A 993 -21.23 26.83 -32.42
C GLY A 993 -22.58 27.13 -33.04
N ASN A 994 -22.61 27.30 -34.37
CA ASN A 994 -23.85 27.48 -35.09
C ASN A 994 -24.74 26.24 -34.96
N CYS A 995 -24.12 25.05 -35.07
CA CYS A 995 -24.84 23.79 -34.98
C CYS A 995 -25.12 23.45 -33.52
N SER A 996 -26.39 23.11 -33.24
CA SER A 996 -26.86 22.76 -31.91
C SER A 996 -27.63 21.45 -31.95
N ARG A 997 -27.52 20.67 -30.88
CA ARG A 997 -28.20 19.37 -30.77
C ARG A 997 -29.02 19.33 -29.49
N ILE A 998 -30.31 19.01 -29.63
CA ILE A 998 -31.24 18.96 -28.52
C ILE A 998 -31.19 17.56 -27.94
N PHE A 999 -30.94 17.47 -26.63
CA PHE A 999 -30.86 16.18 -25.95
C PHE A 999 -31.74 16.21 -24.69
N HIS A 1000 -32.31 15.05 -24.36
CA HIS A 1000 -33.08 14.86 -23.14
C HIS A 1000 -32.63 13.55 -22.50
N GLY A 1001 -32.05 13.64 -21.29
CA GLY A 1001 -31.54 12.49 -20.57
C GLY A 1001 -32.38 12.17 -19.35
N GLU A 1002 -33.07 11.01 -19.37
CA GLU A 1002 -33.91 10.59 -18.25
C GLU A 1002 -33.30 9.33 -17.62
N LYS A 1003 -33.14 9.35 -16.30
CA LYS A 1003 -32.54 8.24 -15.58
C LYS A 1003 -33.54 7.08 -15.52
N LEU A 1004 -33.00 5.87 -15.34
CA LEU A 1004 -33.83 4.69 -15.11
C LEU A 1004 -34.05 4.53 -13.61
N MET A 1005 -35.31 4.39 -13.20
CA MET A 1005 -35.65 4.27 -11.81
C MET A 1005 -35.14 2.94 -11.24
N ASN A 1006 -34.71 3.00 -9.96
CA ASN A 1006 -34.33 1.83 -9.17
C ASN A 1006 -33.11 1.11 -9.76
N THR A 1007 -32.40 1.75 -10.68
CA THR A 1007 -31.14 1.25 -11.20
C THR A 1007 -30.11 2.39 -11.19
N ASN A 1008 -28.96 2.13 -11.81
CA ASN A 1008 -27.92 3.13 -11.96
C ASN A 1008 -27.71 3.49 -13.43
N LEU A 1009 -28.73 3.29 -14.27
CA LEU A 1009 -28.62 3.48 -15.70
C LEU A 1009 -29.20 4.84 -16.11
N ILE A 1010 -28.66 5.41 -17.20
CA ILE A 1010 -29.11 6.68 -17.74
C ILE A 1010 -29.30 6.52 -19.24
N PHE A 1011 -30.44 7.01 -19.77
CA PHE A 1011 -30.71 6.96 -21.20
C PHE A 1011 -30.67 8.38 -21.75
N ILE A 1012 -29.87 8.59 -22.81
CA ILE A 1012 -29.67 9.91 -23.37
C ILE A 1012 -30.16 9.89 -24.82
N MET A 1013 -31.06 10.82 -25.14
CA MET A 1013 -31.62 10.95 -26.48
C MET A 1013 -31.01 12.19 -27.14
N VAL A 1014 -29.90 12.00 -27.86
CA VAL A 1014 -29.19 13.08 -28.52
C VAL A 1014 -29.15 12.82 -30.02
N GLU A 1015 -28.98 13.89 -30.80
CA GLU A 1015 -28.89 13.80 -32.24
C GLU A 1015 -27.60 13.09 -32.65
N SER A 1016 -27.55 12.69 -33.92
CA SER A 1016 -26.40 12.00 -34.48
C SER A 1016 -25.19 12.95 -34.57
N LYS A 1017 -24.00 12.37 -34.54
CA LYS A 1017 -22.77 13.13 -34.71
C LYS A 1017 -22.57 13.60 -36.14
N GLY A 1018 -23.24 12.95 -37.11
CA GLY A 1018 -23.19 13.34 -38.52
C GLY A 1018 -23.83 14.70 -38.83
N THR A 1019 -24.71 15.19 -37.95
CA THR A 1019 -25.39 16.45 -38.16
C THR A 1019 -24.38 17.60 -38.17
N CYS A 1020 -23.43 17.57 -37.22
CA CYS A 1020 -22.38 18.56 -37.16
C CYS A 1020 -21.18 17.98 -36.41
N PRO A 1021 -19.98 17.92 -37.04
CA PRO A 1021 -18.80 17.42 -36.35
C PRO A 1021 -18.40 18.33 -35.17
N CYS A 1022 -18.06 17.69 -34.06
CA CYS A 1022 -17.59 18.39 -32.87
C CYS A 1022 -16.86 17.40 -31.97
N ASP A 1023 -15.58 17.69 -31.67
CA ASP A 1023 -14.81 16.88 -30.75
C ASP A 1023 -13.78 17.79 -30.08
N THR A 1024 -14.10 18.26 -28.87
CA THR A 1024 -13.21 19.12 -28.11
C THR A 1024 -11.90 18.40 -27.78
N ARG A 1025 -12.02 17.17 -27.26
CA ARG A 1025 -10.88 16.33 -26.91
C ARG A 1025 -11.40 14.95 -26.52
N LEU A 1026 -10.59 13.90 -26.72
CA LEU A 1026 -11.01 12.56 -26.38
C LEU A 1026 -10.83 12.34 -24.88
N LEU A 1027 -11.94 12.39 -24.14
CA LEU A 1027 -11.95 12.25 -22.69
C LEU A 1027 -11.83 10.77 -22.33
N ILE A 1028 -10.82 10.41 -21.53
CA ILE A 1028 -10.51 9.03 -21.22
C ILE A 1028 -10.67 8.84 -19.72
N GLN A 1029 -11.33 7.74 -19.34
CA GLN A 1029 -11.47 7.35 -17.95
C GLN A 1029 -10.75 6.00 -17.77
N ALA A 1030 -9.52 6.06 -17.26
CA ALA A 1030 -8.69 4.88 -17.04
C ALA A 1030 -7.53 5.27 -16.13
N GLU A 1031 -6.56 4.35 -15.96
CA GLU A 1031 -5.38 4.62 -15.16
C GLU A 1031 -4.43 5.50 -15.97
N GLN A 1032 -4.64 6.83 -15.89
CA GLN A 1032 -3.87 7.78 -16.66
C GLN A 1032 -2.52 8.02 -15.98
N THR A 1033 -1.43 7.81 -16.73
CA THR A 1033 -0.10 8.10 -16.24
C THR A 1033 0.16 9.61 -16.34
N SER A 1034 0.18 10.28 -15.19
CA SER A 1034 0.41 11.71 -15.12
C SER A 1034 0.88 12.10 -13.72
N ASP A 1035 1.50 13.28 -13.61
CA ASP A 1035 1.93 13.81 -12.33
C ASP A 1035 0.71 14.10 -11.45
N GLY A 1036 0.80 13.74 -10.16
CA GLY A 1036 -0.27 13.94 -9.21
C GLY A 1036 -0.42 15.42 -8.81
N PRO A 1037 -1.03 15.70 -7.64
CA PRO A 1037 -1.12 17.08 -7.17
C PRO A 1037 0.28 17.67 -6.94
N ASN A 1038 0.42 18.96 -7.28
CA ASN A 1038 1.73 19.60 -7.28
C ASN A 1038 2.23 19.76 -5.85
N PRO A 1039 3.40 19.16 -5.48
CA PRO A 1039 3.92 19.29 -4.12
C PRO A 1039 4.41 20.70 -3.80
N CYS A 1040 4.63 21.53 -4.83
CA CYS A 1040 5.04 22.91 -4.62
C CYS A 1040 3.99 23.70 -3.83
N ASP A 1041 2.73 23.24 -3.83
CA ASP A 1041 1.66 23.91 -3.12
C ASP A 1041 1.21 23.18 -1.86
N MET A 1042 1.50 21.89 -1.75
CA MET A 1042 1.03 21.07 -0.64
C MET A 1042 2.07 21.01 0.50
N VAL A 1043 3.28 21.54 0.30
CA VAL A 1043 4.28 21.62 1.35
C VAL A 1043 4.09 22.87 2.20
N LYS A 1044 3.43 23.91 1.66
CA LYS A 1044 3.18 25.14 2.39
C LYS A 1044 1.92 25.01 3.27
N GLN A 1045 1.19 23.89 3.16
CA GLN A 1045 0.13 23.54 4.11
C GLN A 1045 0.03 22.01 4.15
N PRO A 1046 1.02 21.33 4.76
CA PRO A 1046 1.09 19.88 4.70
C PRO A 1046 0.20 19.18 5.71
N ARG A 1047 0.28 17.85 5.71
CA ARG A 1047 -0.47 17.02 6.64
C ARG A 1047 0.14 17.18 8.02
N TYR A 1048 -0.74 17.27 9.04
CA TYR A 1048 -0.32 17.53 10.40
C TYR A 1048 0.36 16.29 10.96
N ARG A 1049 1.62 16.46 11.36
CA ARG A 1049 2.42 15.37 11.88
C ARG A 1049 2.68 15.60 13.37
N LYS A 1050 2.91 14.49 14.10
CA LYS A 1050 3.48 14.52 15.42
C LYS A 1050 4.79 13.75 15.40
N GLY A 1051 5.85 14.38 15.92
CA GLY A 1051 7.20 13.83 15.86
C GLY A 1051 7.57 13.07 17.12
N PRO A 1052 8.63 12.24 17.09
CA PRO A 1052 9.06 11.52 18.29
C PRO A 1052 9.68 12.47 19.31
N ASP A 1053 9.28 12.30 20.57
CA ASP A 1053 9.82 13.10 21.67
C ASP A 1053 11.23 12.64 22.06
N VAL A 1054 11.63 11.43 21.66
CA VAL A 1054 12.90 10.86 22.06
C VAL A 1054 13.99 11.33 21.09
N CYS A 1055 14.84 12.26 21.55
CA CYS A 1055 16.02 12.67 20.80
C CYS A 1055 17.24 12.70 21.72
N PHE A 1056 18.41 12.42 21.11
CA PHE A 1056 19.69 12.50 21.78
C PHE A 1056 20.63 13.35 20.91
N ASP A 1057 20.92 14.56 21.40
CA ASP A 1057 21.81 15.49 20.74
C ASP A 1057 22.30 16.52 21.75
N ASN A 1058 23.37 17.23 21.36
CA ASN A 1058 23.96 18.29 22.17
C ASN A 1058 24.41 17.75 23.54
N ASN A 1059 24.93 16.52 23.56
CA ASN A 1059 25.42 15.92 24.79
C ASN A 1059 26.73 16.59 25.19
N VAL A 1060 26.83 16.99 26.46
CA VAL A 1060 28.01 17.67 26.96
C VAL A 1060 29.18 16.69 27.03
N LEU A 1061 28.90 15.43 27.36
CA LEU A 1061 29.96 14.42 27.52
C LEU A 1061 30.57 14.04 26.16
N GLU A 1062 29.89 14.39 25.06
CA GLU A 1062 30.34 14.00 23.72
C GLU A 1062 31.78 14.45 23.47
N ASP A 1063 32.60 13.55 22.93
CA ASP A 1063 34.00 13.84 22.65
C ASP A 1063 34.16 14.57 21.31
N TYR A 1064 33.65 13.95 20.24
CA TYR A 1064 33.71 14.49 18.88
C TYR A 1064 35.08 15.09 18.54
N THR A 1065 36.13 14.32 18.79
CA THR A 1065 37.49 14.74 18.50
C THR A 1065 37.73 14.98 17.00
N ASP A 1066 36.95 14.33 16.13
CA ASP A 1066 37.06 14.52 14.69
C ASP A 1066 35.76 15.13 14.15
C1 NAG B . 34.21 -2.02 20.48
C2 NAG B . 35.34 -2.46 21.42
C3 NAG B . 36.73 -2.05 20.92
C4 NAG B . 36.92 -2.45 19.47
C5 NAG B . 35.82 -1.84 18.61
C6 NAG B . 35.83 -2.31 17.17
C7 NAG B . 35.54 -2.84 23.86
C8 NAG B . 35.13 -2.40 25.24
N2 NAG B . 35.18 -2.06 22.82
O3 NAG B . 37.74 -2.65 21.71
O4 NAG B . 38.15 -1.91 18.99
O5 NAG B . 34.50 -2.18 19.09
O6 NAG B . 36.69 -3.41 17.00
O7 NAG B . 36.18 -3.88 23.73
C1 NAG B . 39.20 -2.87 19.02
C2 NAG B . 40.23 -2.62 17.91
C3 NAG B . 41.39 -3.63 18.02
C4 NAG B . 41.96 -3.68 19.43
C5 NAG B . 40.85 -3.85 20.46
C6 NAG B . 41.33 -3.76 21.88
C7 NAG B . 40.10 -2.00 15.54
C8 NAG B . 39.23 -1.96 14.31
N2 NAG B . 39.62 -2.66 16.60
O3 NAG B . 42.41 -3.30 17.08
O4 NAG B . 42.86 -4.79 19.51
O5 NAG B . 39.85 -2.82 20.28
O6 NAG B . 42.36 -4.72 22.11
O7 NAG B . 41.21 -1.47 15.54
C1 NAG C . 37.42 -17.65 17.77
C2 NAG C . 37.22 -19.15 17.50
C3 NAG C . 37.60 -19.97 18.74
C4 NAG C . 39.00 -19.60 19.21
C5 NAG C . 39.04 -18.09 19.48
C6 NAG C . 40.37 -17.57 19.97
C7 NAG C . 35.60 -20.50 16.19
C8 NAG C . 34.21 -20.56 15.64
N2 NAG C . 35.88 -19.52 17.07
O3 NAG C . 37.49 -21.37 18.50
O4 NAG C . 39.31 -20.32 20.41
O5 NAG C . 38.73 -17.40 18.25
O6 NAG C . 40.15 -16.46 20.85
O7 NAG C . 36.45 -21.32 15.85
C1 NAG D . -15.57 14.45 -4.50
C2 NAG D . -14.53 15.53 -4.15
C3 NAG D . -15.21 16.76 -3.60
C4 NAG D . -16.33 17.24 -4.51
C5 NAG D . -17.30 16.08 -4.80
C6 NAG D . -18.37 16.41 -5.82
C7 NAG D . -12.25 14.99 -3.40
C8 NAG D . -11.39 14.37 -2.33
N2 NAG D . -13.57 14.98 -3.20
O3 NAG D . -14.23 17.77 -3.41
O4 NAG D . -17.02 18.33 -3.89
O5 NAG D . -16.57 14.97 -5.36
O6 NAG D . -17.82 16.52 -7.15
O7 NAG D . -11.75 15.48 -4.41
C1 NAG E . 4.33 -13.34 22.99
C2 NAG E . 3.69 -14.41 22.08
C3 NAG E . 2.98 -15.52 22.86
C4 NAG E . 3.97 -16.12 23.86
C5 NAG E . 4.34 -14.99 24.81
C6 NAG E . 5.25 -15.41 25.95
C7 NAG E . 1.69 -13.17 21.32
C8 NAG E . 0.92 -12.71 20.12
N2 NAG E . 2.81 -13.86 21.07
O3 NAG E . 2.47 -16.47 21.95
O4 NAG E . 3.38 -17.22 24.55
O5 NAG E . 5.03 -13.95 24.07
O6 NAG E . 6.11 -16.47 25.57
O7 NAG E . 1.31 -12.92 22.45
C1 NAG F . -6.64 -28.09 -11.24
C2 NAG F . -6.88 -27.68 -12.70
C3 NAG F . -7.49 -28.85 -13.46
C4 NAG F . -6.62 -30.09 -13.31
C5 NAG F . -6.44 -30.39 -11.81
C6 NAG F . -5.52 -31.59 -11.54
C7 NAG F . -7.25 -25.30 -12.84
C8 NAG F . -8.25 -24.19 -13.11
N2 NAG F . -7.75 -26.54 -12.80
O3 NAG F . -7.58 -28.51 -14.84
O4 NAG F . -7.25 -31.19 -13.96
O5 NAG F . -5.85 -29.25 -11.15
O6 NAG F . -5.88 -32.75 -12.33
O7 NAG F . -6.05 -25.07 -12.66
#